data_6J76
#
_entry.id   6J76
#
_cell.length_a   76.378
_cell.length_b   90.737
_cell.length_c   149.052
_cell.angle_alpha   90.00
_cell.angle_beta   90.00
_cell.angle_gamma   90.00
#
_symmetry.space_group_name_H-M   'P 2 21 21'
#
loop_
_entity.id
_entity.type
_entity.pdbx_description
1 polymer 'Aldehyde dehydrogenase A'
2 non-polymer 'NADP NICOTINAMIDE-ADENINE-DINUCLEOTIDE PHOSPHATE'
3 water water
#
_entity_poly.entity_id   1
_entity_poly.type   'polypeptide(L)'
_entity_poly.pdbx_seq_one_letter_code
;MKQYQMYVGGEWIDASNGQTEPVVSPINEEVLAYIQDADASDAERVLAVATTAQKEWAKQPARQRAEVLRKFAQLIRDNK
QYLAELLVKEQGKLLKVALGEVEATSTFIEYACDWARQMDGDIVKSDNANEQIMIHKIPRGVVVAITAWNFPLALAGRKI
GPALVAGNSIVVKPTSETPLATLELGYLAEQAGIPAGVLNIVTGGGRTLGNELVGHRMTNMVSMTGSTPAGQSIIRASAN
NMAHVQLELGGKAPFIVMEDADLEQAAAAALHSRFDNCGQVCTCNERMYVHGAVYDEFMRIFMGKVEAIKVGDPMDPASD
MGPKVNANELAHMEELVAEAVDEGATVLFGGKKLEGPEFEKGFWFEPTVLTNVTQDMTIVHEESFGPILPVIKFDSFDEV
IEYANDSDYGLAAMICTQNMHYINRLLTELESGEIYVNRGHGEQHQGFHNGYKLSGTGGEDGKYGFEQYLEKKTFYINYN
LEHHHHHH
;
_entity_poly.pdbx_strand_id   A,B
#
# COMPACT_ATOMS: atom_id res chain seq x y z
N GLN A 3 -4.11 -32.66 -20.81
CA GLN A 3 -4.99 -31.55 -20.41
C GLN A 3 -5.28 -31.47 -18.91
N TYR A 4 -4.95 -30.32 -18.32
CA TYR A 4 -5.11 -30.03 -16.90
C TYR A 4 -6.43 -29.30 -16.65
N GLN A 5 -6.94 -29.41 -15.42
CA GLN A 5 -8.09 -28.59 -15.02
C GLN A 5 -7.63 -27.51 -14.03
N MET A 6 -8.59 -26.90 -13.33
CA MET A 6 -8.29 -25.96 -12.26
C MET A 6 -8.66 -26.59 -10.94
N TYR A 7 -7.89 -26.27 -9.90
CA TYR A 7 -8.10 -26.80 -8.55
C TYR A 7 -8.87 -25.75 -7.75
N VAL A 8 -10.16 -26.01 -7.52
CA VAL A 8 -11.06 -25.06 -6.86
C VAL A 8 -11.84 -25.80 -5.79
N GLY A 9 -11.77 -25.30 -4.55
CA GLY A 9 -12.53 -25.90 -3.45
C GLY A 9 -12.29 -27.38 -3.23
N GLY A 10 -11.04 -27.81 -3.34
CA GLY A 10 -10.70 -29.22 -3.25
C GLY A 10 -11.06 -30.08 -4.45
N GLU A 11 -11.76 -29.53 -5.44
CA GLU A 11 -12.12 -30.31 -6.62
C GLU A 11 -11.37 -29.80 -7.83
N TRP A 12 -11.43 -30.61 -8.89
CA TRP A 12 -10.83 -30.28 -10.18
C TRP A 12 -11.96 -30.03 -11.17
N ILE A 13 -11.94 -28.84 -11.79
CA ILE A 13 -13.03 -28.39 -12.63
C ILE A 13 -12.48 -27.69 -13.87
N ASP A 14 -13.35 -27.54 -14.87
CA ASP A 14 -13.05 -26.83 -16.10
C ASP A 14 -13.39 -25.35 -16.01
N ALA A 15 -12.74 -24.56 -16.86
CA ALA A 15 -13.21 -23.20 -17.11
C ALA A 15 -14.69 -23.25 -17.50
N SER A 16 -15.47 -22.29 -16.98
CA SER A 16 -16.89 -22.28 -17.30
C SER A 16 -17.12 -21.92 -18.77
N ASN A 17 -16.31 -21.05 -19.35
CA ASN A 17 -16.25 -21.00 -20.80
C ASN A 17 -15.64 -22.31 -21.29
N GLY A 18 -15.80 -22.60 -22.57
CA GLY A 18 -15.23 -23.87 -22.97
C GLY A 18 -13.72 -23.87 -23.21
N GLN A 19 -13.05 -22.79 -22.83
CA GLN A 19 -11.78 -22.43 -23.46
C GLN A 19 -10.59 -23.14 -22.85
N THR A 20 -9.63 -23.49 -23.69
CA THR A 20 -8.35 -24.05 -23.30
C THR A 20 -7.24 -23.23 -23.95
N GLU A 21 -6.00 -23.57 -23.61
CA GLU A 21 -4.83 -22.83 -24.07
C GLU A 21 -3.68 -23.82 -24.08
N PRO A 22 -2.90 -23.89 -25.15
CA PRO A 22 -1.74 -24.79 -25.16
C PRO A 22 -0.61 -24.24 -24.30
N VAL A 23 0.24 -25.15 -23.83
CA VAL A 23 1.47 -24.82 -23.15
C VAL A 23 2.60 -25.46 -23.95
N VAL A 24 3.53 -24.64 -24.43
CA VAL A 24 4.51 -25.04 -25.43
C VAL A 24 5.91 -24.99 -24.82
N SER A 25 6.70 -26.01 -25.10
CA SER A 25 8.07 -26.03 -24.61
C SER A 25 8.94 -25.05 -25.41
N PRO A 26 9.74 -24.21 -24.74
CA PRO A 26 10.69 -23.36 -25.47
C PRO A 26 11.85 -24.13 -26.08
N ILE A 27 12.02 -25.40 -25.72
CA ILE A 27 13.20 -26.14 -26.18
C ILE A 27 13.01 -26.59 -27.62
N ASN A 28 11.83 -27.11 -27.93
CA ASN A 28 11.56 -27.73 -29.22
C ASN A 28 10.18 -27.39 -29.77
N GLU A 29 9.45 -26.47 -29.13
CA GLU A 29 8.13 -26.05 -29.58
C GLU A 29 7.10 -27.16 -29.49
N GLU A 30 7.40 -28.21 -28.74
CA GLU A 30 6.43 -29.28 -28.52
C GLU A 30 5.31 -28.80 -27.59
N VAL A 31 4.06 -29.03 -28.01
CA VAL A 31 2.93 -28.86 -27.11
C VAL A 31 3.06 -29.89 -25.98
N LEU A 32 3.15 -29.41 -24.73
CA LEU A 32 3.26 -30.24 -23.54
C LEU A 32 1.92 -30.65 -22.94
N ALA A 33 0.92 -29.77 -23.01
CA ALA A 33 -0.33 -29.95 -22.30
C ALA A 33 -1.26 -28.80 -22.68
N TYR A 34 -2.54 -29.03 -22.45
CA TYR A 34 -3.53 -27.96 -22.50
C TYR A 34 -3.99 -27.64 -21.09
N ILE A 35 -4.22 -26.35 -20.84
CA ILE A 35 -4.73 -25.84 -19.58
C ILE A 35 -6.08 -25.17 -19.84
N GLN A 36 -6.85 -24.99 -18.76
CA GLN A 36 -8.10 -24.23 -18.85
C GLN A 36 -7.80 -22.75 -19.03
N ASP A 37 -8.55 -22.11 -19.92
CA ASP A 37 -8.40 -20.69 -20.24
C ASP A 37 -9.64 -19.93 -19.75
N ALA A 38 -9.77 -19.84 -18.43
CA ALA A 38 -10.94 -19.25 -17.81
C ALA A 38 -10.90 -17.72 -17.93
N ASP A 39 -12.09 -17.13 -17.98
CA ASP A 39 -12.16 -15.68 -18.05
C ASP A 39 -12.74 -15.13 -16.74
N ALA A 40 -13.25 -13.90 -16.80
CA ALA A 40 -13.69 -13.21 -15.59
C ALA A 40 -14.84 -13.94 -14.88
N SER A 41 -15.65 -14.70 -15.64
CA SER A 41 -16.85 -15.33 -15.09
C SER A 41 -16.56 -16.46 -14.10
N ASP A 42 -15.32 -16.89 -13.95
CA ASP A 42 -14.96 -17.89 -12.95
C ASP A 42 -14.36 -17.28 -11.69
N ALA A 43 -14.20 -15.95 -11.64
CA ALA A 43 -13.56 -15.35 -10.47
C ALA A 43 -14.44 -15.48 -9.22
N GLU A 44 -15.73 -15.17 -9.34
CA GLU A 44 -16.57 -15.12 -8.14
C GLU A 44 -16.64 -16.46 -7.44
N ARG A 45 -16.87 -17.54 -8.20
CA ARG A 45 -17.02 -18.85 -7.61
C ARG A 45 -15.78 -19.25 -6.80
N VAL A 46 -14.58 -19.12 -7.38
CA VAL A 46 -13.40 -19.53 -6.64
C VAL A 46 -13.20 -18.62 -5.44
N LEU A 47 -13.54 -17.33 -5.57
CA LEU A 47 -13.43 -16.44 -4.42
C LEU A 47 -14.42 -16.80 -3.33
N ALA A 48 -15.64 -17.24 -3.72
CA ALA A 48 -16.62 -17.62 -2.71
C ALA A 48 -16.16 -18.83 -1.89
N VAL A 49 -15.59 -19.85 -2.54
CA VAL A 49 -15.16 -21.02 -1.76
C VAL A 49 -13.89 -20.72 -0.96
N ALA A 50 -13.03 -19.83 -1.44
CA ALA A 50 -11.88 -19.40 -0.64
C ALA A 50 -12.32 -18.66 0.61
N THR A 51 -13.34 -17.80 0.48
CA THR A 51 -13.83 -17.05 1.64
C THR A 51 -14.39 -18.01 2.67
N THR A 52 -15.21 -18.96 2.23
CA THR A 52 -15.77 -19.95 3.14
C THR A 52 -14.67 -20.75 3.83
N ALA A 53 -13.75 -21.30 3.03
CA ALA A 53 -12.69 -22.15 3.61
C ALA A 53 -11.80 -21.38 4.58
N GLN A 54 -11.64 -20.08 4.38
CA GLN A 54 -10.76 -19.30 5.26
C GLN A 54 -11.34 -19.24 6.67
N LYS A 55 -12.67 -19.20 6.79
CA LYS A 55 -13.28 -19.10 8.11
C LYS A 55 -12.90 -20.29 8.99
N GLU A 56 -12.83 -21.49 8.41
CA GLU A 56 -12.44 -22.67 9.17
C GLU A 56 -10.93 -22.82 9.28
N TRP A 57 -10.19 -22.37 8.25
CA TRP A 57 -8.73 -22.44 8.29
C TRP A 57 -8.17 -21.58 9.42
N ALA A 58 -8.64 -20.34 9.51
CA ALA A 58 -8.15 -19.43 10.53
C ALA A 58 -8.42 -19.92 11.94
N LYS A 59 -9.47 -20.73 12.14
CA LYS A 59 -9.73 -21.29 13.48
C LYS A 59 -8.72 -22.36 13.88
N GLN A 60 -8.03 -22.97 12.92
CA GLN A 60 -7.05 -23.98 13.29
C GLN A 60 -5.90 -23.32 14.05
N PRO A 61 -5.39 -23.94 15.11
CA PRO A 61 -4.21 -23.38 15.77
C PRO A 61 -3.08 -23.20 14.77
N ALA A 62 -2.31 -22.12 14.96
CA ALA A 62 -1.26 -21.80 13.98
C ALA A 62 -0.21 -22.89 13.91
N ARG A 63 0.02 -23.61 15.00
CA ARG A 63 0.96 -24.73 14.97
C ARG A 63 0.47 -25.83 14.05
N GLN A 64 -0.85 -26.05 14.00
CA GLN A 64 -1.37 -27.06 13.08
C GLN A 64 -1.23 -26.62 11.63
N ARG A 65 -1.51 -25.34 11.33
CA ARG A 65 -1.33 -24.84 9.98
C ARG A 65 0.12 -24.98 9.54
N ALA A 66 1.05 -24.63 10.42
CA ALA A 66 2.47 -24.79 10.10
C ALA A 66 2.82 -26.24 9.84
N GLU A 67 2.20 -27.18 10.58
CA GLU A 67 2.58 -28.58 10.37
C GLU A 67 2.00 -29.12 9.07
N VAL A 68 0.80 -28.68 8.70
CA VAL A 68 0.25 -29.01 7.38
C VAL A 68 1.15 -28.45 6.28
N LEU A 69 1.55 -27.18 6.41
CA LEU A 69 2.38 -26.57 5.37
C LEU A 69 3.76 -27.20 5.33
N ARG A 70 4.35 -27.52 6.49
CA ARG A 70 5.62 -28.24 6.47
C ARG A 70 5.48 -29.56 5.70
N LYS A 71 4.38 -30.27 5.89
CA LYS A 71 4.18 -31.50 5.13
C LYS A 71 3.99 -31.21 3.64
N PHE A 72 3.26 -30.14 3.32
CA PHE A 72 3.15 -29.71 1.92
C PHE A 72 4.53 -29.45 1.32
N ALA A 73 5.40 -28.76 2.07
CA ALA A 73 6.74 -28.43 1.60
C ALA A 73 7.59 -29.68 1.38
N GLN A 74 7.41 -30.69 2.23
CA GLN A 74 8.21 -31.91 2.07
C GLN A 74 7.72 -32.73 0.87
N LEU A 75 6.40 -32.75 0.63
CA LEU A 75 5.88 -33.46 -0.53
C LEU A 75 6.41 -32.85 -1.81
N ILE A 76 6.52 -31.51 -1.85
CA ILE A 76 7.13 -30.86 -3.01
C ILE A 76 8.57 -31.36 -3.18
N ARG A 77 9.32 -31.44 -2.08
CA ARG A 77 10.69 -31.94 -2.15
C ARG A 77 10.74 -33.40 -2.58
N ASP A 78 9.79 -34.22 -2.09
CA ASP A 78 9.74 -35.64 -2.48
C ASP A 78 9.68 -35.80 -3.98
N ASN A 79 8.94 -34.92 -4.66
CA ASN A 79 8.74 -34.99 -6.10
C ASN A 79 9.66 -34.04 -6.86
N LYS A 80 10.77 -33.64 -6.24
CA LYS A 80 11.66 -32.65 -6.83
C LYS A 80 12.03 -32.99 -8.26
N GLN A 81 12.37 -34.26 -8.53
CA GLN A 81 12.87 -34.60 -9.86
C GLN A 81 11.79 -34.45 -10.92
N TYR A 82 10.57 -34.90 -10.61
CA TYR A 82 9.45 -34.73 -11.53
C TYR A 82 9.15 -33.26 -11.78
N LEU A 83 9.09 -32.45 -10.72
CA LEU A 83 8.71 -31.05 -10.86
C LEU A 83 9.80 -30.25 -11.55
N ALA A 84 11.07 -30.57 -11.27
CA ALA A 84 12.18 -29.87 -11.92
C ALA A 84 12.20 -30.14 -13.43
N GLU A 85 12.09 -31.42 -13.81
CA GLU A 85 12.07 -31.74 -15.24
C GLU A 85 10.86 -31.12 -15.92
N LEU A 86 9.73 -31.04 -15.22
CA LEU A 86 8.58 -30.35 -15.78
C LEU A 86 8.88 -28.86 -15.98
N LEU A 87 9.57 -28.25 -15.02
CA LEU A 87 9.97 -26.86 -15.17
C LEU A 87 10.91 -26.68 -16.36
N VAL A 88 11.84 -27.63 -16.54
CA VAL A 88 12.76 -27.56 -17.68
C VAL A 88 12.00 -27.56 -18.99
N LYS A 89 11.01 -28.44 -19.11
CA LYS A 89 10.30 -28.56 -20.38
C LYS A 89 9.37 -27.39 -20.63
N GLU A 90 8.69 -26.90 -19.59
CA GLU A 90 7.71 -25.85 -19.83
C GLU A 90 8.33 -24.45 -19.89
N GLN A 91 9.45 -24.23 -19.20
CA GLN A 91 10.03 -22.90 -19.11
C GLN A 91 11.42 -22.77 -19.72
N GLY A 92 12.17 -23.86 -19.85
CA GLY A 92 13.42 -23.84 -20.57
C GLY A 92 14.68 -23.63 -19.73
N LYS A 93 14.55 -23.47 -18.42
CA LYS A 93 15.73 -23.29 -17.57
C LYS A 93 16.57 -24.56 -17.50
N LEU A 94 17.84 -24.38 -17.14
CA LEU A 94 18.75 -25.50 -16.92
C LEU A 94 18.24 -26.38 -15.78
N LEU A 95 18.45 -27.70 -15.94
CA LEU A 95 17.97 -28.68 -14.97
C LEU A 95 18.45 -28.34 -13.56
N LYS A 96 19.73 -28.01 -13.41
CA LYS A 96 20.25 -27.74 -12.06
C LYS A 96 19.62 -26.49 -11.47
N VAL A 97 19.26 -25.51 -12.30
CA VAL A 97 18.51 -24.37 -11.79
C VAL A 97 17.10 -24.79 -11.44
N ALA A 98 16.50 -25.69 -12.23
CA ALA A 98 15.16 -26.19 -11.93
C ALA A 98 15.14 -26.94 -10.60
N LEU A 99 16.14 -27.79 -10.35
CA LEU A 99 16.24 -28.44 -9.04
C LEU A 99 16.32 -27.40 -7.92
N GLY A 100 17.07 -26.31 -8.15
CA GLY A 100 17.12 -25.25 -7.16
C GLY A 100 15.78 -24.55 -6.96
N GLU A 101 15.03 -24.34 -8.04
CA GLU A 101 13.74 -23.66 -7.91
C GLU A 101 12.75 -24.50 -7.09
N VAL A 102 12.68 -25.81 -7.35
CA VAL A 102 11.86 -26.68 -6.53
C VAL A 102 12.24 -26.54 -5.05
N GLU A 103 13.53 -26.65 -4.77
CA GLU A 103 14.00 -26.55 -3.39
C GLU A 103 13.58 -25.23 -2.77
N ALA A 104 13.75 -24.13 -3.50
CA ALA A 104 13.36 -22.81 -3.00
C ALA A 104 11.84 -22.70 -2.82
N THR A 105 11.06 -23.43 -3.61
CA THR A 105 9.62 -23.51 -3.35
C THR A 105 9.36 -24.09 -1.96
N SER A 106 10.02 -25.20 -1.63
CA SER A 106 9.83 -25.79 -0.31
C SER A 106 10.38 -24.90 0.80
N THR A 107 11.58 -24.31 0.62
CA THR A 107 12.12 -23.51 1.72
C THR A 107 11.36 -22.19 1.87
N PHE A 108 10.76 -21.67 0.79
CA PHE A 108 9.88 -20.51 0.96
C PHE A 108 8.74 -20.83 1.91
N ILE A 109 8.16 -22.02 1.80
CA ILE A 109 7.04 -22.41 2.65
C ILE A 109 7.52 -22.70 4.07
N GLU A 110 8.59 -23.50 4.18
CA GLU A 110 9.18 -23.82 5.49
C GLU A 110 9.65 -22.57 6.22
N TYR A 111 10.24 -21.61 5.50
CA TYR A 111 10.65 -20.38 6.16
C TYR A 111 9.44 -19.64 6.73
N ALA A 112 8.34 -19.61 5.97
CA ALA A 112 7.15 -18.90 6.45
C ALA A 112 6.55 -19.58 7.69
N CYS A 113 6.63 -20.91 7.79
CA CYS A 113 6.16 -21.61 8.98
C CYS A 113 6.85 -21.14 10.26
N ASP A 114 8.03 -20.53 10.18
CA ASP A 114 8.69 -20.04 11.39
C ASP A 114 8.01 -18.82 11.98
N TRP A 115 7.25 -18.06 11.18
CA TRP A 115 6.50 -16.92 11.67
C TRP A 115 5.14 -17.31 12.28
N ALA A 116 4.85 -18.61 12.40
CA ALA A 116 3.56 -19.07 12.89
C ALA A 116 3.29 -18.65 14.34
N ARG A 117 4.33 -18.33 15.11
CA ARG A 117 4.18 -17.87 16.49
C ARG A 117 4.73 -16.45 16.67
N GLN A 118 4.67 -15.64 15.62
CA GLN A 118 5.13 -14.25 15.65
C GLN A 118 4.01 -13.33 15.20
N MET A 119 2.82 -13.53 15.77
CA MET A 119 1.64 -12.79 15.39
C MET A 119 0.95 -12.20 16.62
N ASP A 120 1.73 -11.80 17.62
CA ASP A 120 1.16 -11.19 18.82
C ASP A 120 0.65 -9.79 18.57
N GLY A 121 -0.46 -9.43 19.21
CA GLY A 121 -0.98 -8.07 19.19
C GLY A 121 -0.40 -7.21 20.29
N ASP A 122 -0.94 -6.00 20.42
CA ASP A 122 -0.39 -5.00 21.33
C ASP A 122 -1.42 -4.63 22.40
N ILE A 123 -0.96 -4.57 23.65
CA ILE A 123 -1.68 -3.97 24.75
C ILE A 123 -1.14 -2.56 24.93
N VAL A 124 -2.00 -1.58 24.75
CA VAL A 124 -1.60 -0.19 24.63
C VAL A 124 -2.24 0.58 25.77
N LYS A 125 -1.45 1.34 26.51
CA LYS A 125 -1.99 2.09 27.62
C LYS A 125 -2.83 3.27 27.12
N SER A 126 -4.04 3.39 27.65
CA SER A 126 -4.97 4.45 27.28
C SER A 126 -4.75 5.71 28.11
N ASP A 127 -5.05 6.87 27.52
CA ASP A 127 -5.08 8.13 28.27
C ASP A 127 -6.22 8.18 29.29
N ASN A 128 -7.21 7.29 29.19
CA ASN A 128 -8.39 7.31 30.06
C ASN A 128 -8.32 6.20 31.09
N ALA A 129 -8.79 6.52 32.30
CA ALA A 129 -8.90 5.53 33.37
C ALA A 129 -9.91 4.45 33.01
N ASN A 130 -9.61 3.21 33.42
CA ASN A 130 -10.53 2.09 33.26
C ASN A 130 -10.79 1.79 31.79
N GLU A 131 -9.76 1.98 30.97
CA GLU A 131 -9.90 1.74 29.55
C GLU A 131 -8.69 0.98 29.03
N GLN A 132 -8.95 0.13 28.04
CA GLN A 132 -7.88 -0.59 27.37
C GLN A 132 -7.96 -0.42 25.87
N ILE A 133 -6.79 -0.23 25.26
CA ILE A 133 -6.61 -0.25 23.83
C ILE A 133 -5.95 -1.58 23.47
N MET A 134 -6.57 -2.33 22.57
CA MET A 134 -6.01 -3.57 22.07
C MET A 134 -5.88 -3.46 20.55
N ILE A 135 -4.70 -3.78 20.05
CA ILE A 135 -4.44 -3.86 18.62
C ILE A 135 -4.13 -5.31 18.31
N HIS A 136 -5.07 -5.99 17.69
CA HIS A 136 -4.91 -7.39 17.32
C HIS A 136 -4.39 -7.52 15.90
N LYS A 137 -3.66 -8.61 15.67
CA LYS A 137 -3.24 -9.00 14.34
C LYS A 137 -4.11 -10.18 13.90
N ILE A 138 -4.76 -10.03 12.75
CA ILE A 138 -5.71 -11.02 12.27
C ILE A 138 -5.39 -11.33 10.81
N PRO A 139 -5.88 -12.46 10.29
CA PRO A 139 -5.74 -12.70 8.85
C PRO A 139 -6.48 -11.65 8.04
N ARG A 140 -5.95 -11.37 6.84
CA ARG A 140 -6.63 -10.45 5.93
C ARG A 140 -7.91 -11.06 5.38
N GLY A 141 -7.87 -12.34 5.03
CA GLY A 141 -9.01 -13.00 4.43
C GLY A 141 -8.61 -13.83 3.24
N VAL A 142 -9.03 -13.43 2.03
CA VAL A 142 -8.66 -14.11 0.81
C VAL A 142 -7.50 -13.37 0.15
N VAL A 143 -6.43 -14.11 -0.15
CA VAL A 143 -5.29 -13.60 -0.88
C VAL A 143 -5.37 -14.09 -2.32
N VAL A 144 -5.18 -13.17 -3.26
CA VAL A 144 -5.01 -13.52 -4.66
C VAL A 144 -3.52 -13.45 -4.98
N ALA A 145 -2.98 -14.54 -5.57
CA ALA A 145 -1.56 -14.66 -5.86
C ALA A 145 -1.36 -14.84 -7.36
N ILE A 146 -0.64 -13.91 -7.97
CA ILE A 146 -0.41 -13.91 -9.42
C ILE A 146 1.09 -14.03 -9.65
N THR A 147 1.51 -14.98 -10.49
CA THR A 147 2.93 -15.28 -10.67
C THR A 147 3.38 -15.02 -12.10
N ALA A 148 4.70 -14.92 -12.27
CA ALA A 148 5.37 -14.70 -13.55
C ALA A 148 6.03 -16.00 -14.02
N TRP A 149 6.47 -16.03 -15.27
CA TRP A 149 6.88 -17.30 -15.87
C TRP A 149 8.36 -17.66 -15.65
N ASN A 150 9.19 -16.78 -15.09
CA ASN A 150 10.62 -17.09 -15.09
C ASN A 150 11.01 -18.03 -13.97
N PHE A 151 10.28 -18.01 -12.85
CA PHE A 151 10.37 -19.03 -11.80
C PHE A 151 8.96 -19.29 -11.27
N PRO A 152 8.12 -19.94 -12.06
CA PRO A 152 6.70 -20.01 -11.67
C PRO A 152 6.44 -20.77 -10.37
N LEU A 153 7.16 -21.86 -10.12
CA LEU A 153 6.87 -22.68 -8.94
C LEU A 153 7.37 -22.01 -7.66
N ALA A 154 8.55 -21.38 -7.69
CA ALA A 154 9.04 -20.71 -6.50
C ALA A 154 8.22 -19.47 -6.18
N LEU A 155 7.77 -18.74 -7.21
CA LEU A 155 6.93 -17.58 -6.96
C LEU A 155 5.63 -17.97 -6.30
N ALA A 156 5.07 -19.12 -6.69
CA ALA A 156 3.89 -19.61 -6.00
C ALA A 156 4.20 -19.85 -4.52
N GLY A 157 5.25 -20.63 -4.24
CA GLY A 157 5.59 -20.94 -2.86
C GLY A 157 5.98 -19.72 -2.06
N ARG A 158 6.63 -18.74 -2.69
CA ARG A 158 6.97 -17.48 -2.04
C ARG A 158 5.73 -16.77 -1.50
N LYS A 159 4.56 -17.05 -2.07
CA LYS A 159 3.29 -16.42 -1.70
C LYS A 159 2.36 -17.36 -0.95
N ILE A 160 2.34 -18.64 -1.30
CA ILE A 160 1.50 -19.61 -0.60
C ILE A 160 1.91 -19.74 0.86
N GLY A 161 3.22 -19.84 1.09
CA GLY A 161 3.76 -19.97 2.42
C GLY A 161 3.27 -18.92 3.41
N PRO A 162 3.56 -17.65 3.15
CA PRO A 162 3.13 -16.61 4.11
C PRO A 162 1.63 -16.46 4.20
N ALA A 163 0.92 -16.50 3.07
CA ALA A 163 -0.54 -16.34 3.09
C ALA A 163 -1.18 -17.37 4.00
N LEU A 164 -0.79 -18.64 3.88
CA LEU A 164 -1.50 -19.71 4.57
C LEU A 164 -1.07 -19.80 6.03
N VAL A 165 0.22 -19.61 6.31
CA VAL A 165 0.70 -19.57 7.69
C VAL A 165 -0.08 -18.52 8.48
N ALA A 166 -0.29 -17.34 7.88
CA ALA A 166 -0.98 -16.24 8.54
C ALA A 166 -2.49 -16.46 8.69
N GLY A 167 -3.04 -17.57 8.19
CA GLY A 167 -4.45 -17.85 8.37
C GLY A 167 -5.34 -17.40 7.24
N ASN A 168 -4.78 -16.89 6.15
CA ASN A 168 -5.55 -16.58 4.96
C ASN A 168 -5.80 -17.85 4.16
N SER A 169 -6.72 -17.75 3.21
CA SER A 169 -6.76 -18.68 2.10
C SER A 169 -6.19 -17.99 0.85
N ILE A 170 -5.88 -18.79 -0.17
CA ILE A 170 -5.16 -18.25 -1.30
C ILE A 170 -5.82 -18.72 -2.60
N VAL A 171 -5.89 -17.81 -3.57
CA VAL A 171 -6.30 -18.15 -4.92
C VAL A 171 -5.11 -17.84 -5.81
N VAL A 172 -4.46 -18.88 -6.32
CA VAL A 172 -3.25 -18.71 -7.12
C VAL A 172 -3.66 -18.67 -8.58
N LYS A 173 -3.31 -17.57 -9.26
CA LYS A 173 -3.43 -17.54 -10.71
C LYS A 173 -2.04 -17.55 -11.32
N PRO A 174 -1.56 -18.70 -11.78
CA PRO A 174 -0.22 -18.74 -12.38
C PRO A 174 -0.21 -18.11 -13.76
N THR A 175 0.97 -17.62 -14.14
CA THR A 175 1.26 -17.24 -15.52
C THR A 175 0.73 -18.29 -16.49
N SER A 176 0.11 -17.84 -17.58
CA SER A 176 -0.37 -18.77 -18.58
C SER A 176 0.77 -19.38 -19.40
N GLU A 177 1.96 -18.78 -19.37
CA GLU A 177 3.08 -19.31 -20.14
C GLU A 177 3.62 -20.60 -19.53
N THR A 178 3.66 -20.70 -18.21
CA THR A 178 4.33 -21.80 -17.52
C THR A 178 3.57 -22.19 -16.26
N PRO A 179 2.36 -22.77 -16.40
CA PRO A 179 1.56 -23.11 -15.21
C PRO A 179 1.63 -24.56 -14.76
N LEU A 180 2.26 -25.45 -15.54
CA LEU A 180 2.06 -26.88 -15.32
C LEU A 180 2.57 -27.34 -13.97
N ALA A 181 3.82 -27.03 -13.64
CA ALA A 181 4.35 -27.43 -12.34
C ALA A 181 3.54 -26.81 -11.21
N THR A 182 3.09 -25.56 -11.39
CA THR A 182 2.28 -24.92 -10.37
C THR A 182 0.97 -25.67 -10.15
N LEU A 183 0.35 -26.15 -11.24
CA LEU A 183 -0.91 -26.87 -11.11
C LEU A 183 -0.72 -28.19 -10.41
N GLU A 184 0.47 -28.80 -10.54
CA GLU A 184 0.75 -30.04 -9.83
C GLU A 184 0.64 -29.86 -8.32
N LEU A 185 0.83 -28.65 -7.82
CA LEU A 185 0.72 -28.40 -6.39
C LEU A 185 -0.64 -28.77 -5.83
N GLY A 186 -1.69 -28.63 -6.65
CA GLY A 186 -3.02 -28.98 -6.19
C GLY A 186 -3.08 -30.42 -5.69
N TYR A 187 -2.51 -31.35 -6.46
CA TYR A 187 -2.45 -32.74 -6.02
C TYR A 187 -1.70 -32.87 -4.71
N LEU A 188 -0.57 -32.19 -4.60
CA LEU A 188 0.22 -32.28 -3.37
C LEU A 188 -0.49 -31.63 -2.19
N ALA A 189 -1.31 -30.60 -2.45
CA ALA A 189 -2.06 -29.95 -1.38
C ALA A 189 -3.11 -30.88 -0.79
N GLU A 190 -3.79 -31.67 -1.63
CA GLU A 190 -4.66 -32.72 -1.12
C GLU A 190 -3.88 -33.77 -0.33
N GLN A 191 -2.73 -34.19 -0.86
CA GLN A 191 -1.93 -35.21 -0.19
C GLN A 191 -1.50 -34.74 1.20
N ALA A 192 -1.15 -33.46 1.33
CA ALA A 192 -0.68 -32.89 2.60
C ALA A 192 -1.81 -32.62 3.59
N GLY A 193 -3.07 -32.62 3.14
CA GLY A 193 -4.18 -32.36 4.03
C GLY A 193 -4.61 -30.90 4.12
N ILE A 194 -4.23 -30.07 3.15
CA ILE A 194 -4.71 -28.70 3.12
C ILE A 194 -6.22 -28.74 2.85
N PRO A 195 -7.05 -28.21 3.76
CA PRO A 195 -8.50 -28.36 3.60
C PRO A 195 -8.99 -27.74 2.30
N ALA A 196 -10.05 -28.35 1.74
CA ALA A 196 -10.63 -27.90 0.48
C ALA A 196 -10.93 -26.41 0.49
N GLY A 197 -10.40 -25.69 -0.49
CA GLY A 197 -10.68 -24.28 -0.66
C GLY A 197 -9.67 -23.32 -0.05
N VAL A 198 -8.72 -23.83 0.74
CA VAL A 198 -7.69 -22.98 1.32
C VAL A 198 -6.62 -22.64 0.28
N LEU A 199 -6.33 -23.57 -0.62
CA LEU A 199 -5.42 -23.35 -1.74
C LEU A 199 -6.16 -23.67 -3.04
N ASN A 200 -6.37 -22.65 -3.87
CA ASN A 200 -7.03 -22.83 -5.15
C ASN A 200 -6.09 -22.37 -6.26
N ILE A 201 -6.16 -23.03 -7.42
CA ILE A 201 -5.30 -22.72 -8.57
C ILE A 201 -6.19 -22.60 -9.80
N VAL A 202 -6.28 -21.39 -10.36
CA VAL A 202 -7.08 -21.12 -11.54
C VAL A 202 -6.20 -20.53 -12.63
N THR A 203 -6.45 -20.93 -13.88
CA THR A 203 -5.63 -20.51 -15.00
C THR A 203 -6.48 -19.72 -16.01
N GLY A 204 -5.89 -18.67 -16.55
CA GLY A 204 -6.60 -17.78 -17.47
C GLY A 204 -5.82 -16.51 -17.68
N GLY A 205 -6.33 -15.69 -18.60
CA GLY A 205 -5.62 -14.47 -18.96
C GLY A 205 -5.55 -13.49 -17.80
N GLY A 206 -4.36 -12.95 -17.56
CA GLY A 206 -4.23 -11.91 -16.55
C GLY A 206 -5.16 -10.73 -16.76
N ARG A 207 -5.45 -10.39 -18.01
CA ARG A 207 -6.25 -9.21 -18.28
C ARG A 207 -7.74 -9.47 -18.15
N THR A 208 -8.16 -10.73 -18.11
CA THR A 208 -9.56 -11.08 -17.89
C THR A 208 -9.74 -11.64 -16.50
N LEU A 209 -9.35 -12.91 -16.28
CA LEU A 209 -9.52 -13.52 -14.96
C LEU A 209 -8.70 -12.81 -13.90
N GLY A 210 -7.40 -12.59 -14.14
CA GLY A 210 -6.58 -11.92 -13.15
C GLY A 210 -7.11 -10.55 -12.78
N ASN A 211 -7.51 -9.76 -13.78
CA ASN A 211 -8.04 -8.42 -13.50
C ASN A 211 -9.32 -8.48 -12.67
N GLU A 212 -10.15 -9.48 -12.92
CA GLU A 212 -11.38 -9.62 -12.15
C GLU A 212 -11.09 -10.09 -10.73
N LEU A 213 -10.06 -10.94 -10.55
CA LEU A 213 -9.70 -11.40 -9.23
C LEU A 213 -9.20 -10.26 -8.34
N VAL A 214 -8.32 -9.40 -8.88
CA VAL A 214 -7.65 -8.43 -8.02
C VAL A 214 -8.55 -7.28 -7.61
N GLY A 215 -9.58 -6.95 -8.39
CA GLY A 215 -10.48 -5.89 -7.99
C GLY A 215 -11.71 -6.34 -7.22
N HIS A 216 -11.89 -7.64 -7.03
CA HIS A 216 -13.15 -8.15 -6.51
C HIS A 216 -13.33 -7.83 -5.02
N ARG A 217 -14.59 -7.66 -4.63
CA ARG A 217 -14.93 -7.31 -3.24
C ARG A 217 -14.47 -8.37 -2.25
N MET A 218 -14.32 -9.62 -2.69
CA MET A 218 -13.91 -10.71 -1.82
C MET A 218 -12.40 -10.83 -1.69
N THR A 219 -11.63 -10.06 -2.46
CA THR A 219 -10.17 -10.15 -2.46
C THR A 219 -9.62 -9.15 -1.44
N ASN A 220 -9.08 -9.65 -0.34
CA ASN A 220 -8.55 -8.78 0.69
C ASN A 220 -7.11 -8.36 0.47
N MET A 221 -6.39 -9.07 -0.41
CA MET A 221 -4.98 -8.79 -0.65
C MET A 221 -4.56 -9.40 -1.98
N VAL A 222 -3.73 -8.68 -2.71
CA VAL A 222 -3.11 -9.17 -3.93
C VAL A 222 -1.61 -9.23 -3.71
N SER A 223 -1.02 -10.41 -3.91
CA SER A 223 0.42 -10.55 -3.99
C SER A 223 0.76 -11.00 -5.41
N MET A 224 1.44 -10.14 -6.14
CA MET A 224 1.62 -10.36 -7.56
C MET A 224 3.06 -10.05 -7.96
N THR A 225 3.59 -10.91 -8.82
CA THR A 225 4.89 -10.73 -9.45
C THR A 225 4.69 -10.69 -10.95
N GLY A 226 5.38 -9.76 -11.63
CA GLY A 226 5.23 -9.64 -13.07
C GLY A 226 5.79 -8.31 -13.57
N SER A 227 5.38 -7.95 -14.80
CA SER A 227 5.86 -6.72 -15.44
C SER A 227 5.23 -5.48 -14.82
N THR A 228 5.93 -4.35 -14.97
CA THR A 228 5.42 -3.09 -14.45
C THR A 228 4.08 -2.67 -15.06
N PRO A 229 3.84 -2.75 -16.38
CA PRO A 229 2.50 -2.40 -16.87
C PRO A 229 1.39 -3.23 -16.25
N ALA A 230 1.63 -4.52 -16.01
CA ALA A 230 0.58 -5.34 -15.40
C ALA A 230 0.31 -4.89 -13.97
N GLY A 231 1.37 -4.56 -13.23
CA GLY A 231 1.20 -4.07 -11.87
C GLY A 231 0.52 -2.72 -11.81
N GLN A 232 0.74 -1.87 -12.80
CA GLN A 232 0.02 -0.60 -12.87
C GLN A 232 -1.46 -0.82 -13.10
N SER A 233 -1.81 -1.86 -13.86
CA SER A 233 -3.21 -2.20 -14.06
C SER A 233 -3.83 -2.73 -12.78
N ILE A 234 -3.06 -3.48 -12.00
CA ILE A 234 -3.58 -4.01 -10.74
C ILE A 234 -3.78 -2.90 -9.72
N ILE A 235 -2.85 -1.92 -9.67
CA ILE A 235 -3.02 -0.79 -8.78
C ILE A 235 -4.32 -0.05 -9.08
N ARG A 236 -4.58 0.19 -10.37
CA ARG A 236 -5.82 0.90 -10.74
C ARG A 236 -7.03 0.08 -10.36
N ALA A 237 -7.02 -1.22 -10.68
CA ALA A 237 -8.13 -2.09 -10.31
C ALA A 237 -8.35 -2.15 -8.80
N SER A 238 -7.28 -2.02 -8.01
CA SER A 238 -7.46 -2.10 -6.56
C SER A 238 -8.17 -0.89 -5.97
N ALA A 239 -8.38 0.17 -6.75
CA ALA A 239 -9.24 1.25 -6.29
C ALA A 239 -10.66 0.73 -6.04
N ASN A 240 -11.07 -0.32 -6.76
CA ASN A 240 -12.45 -0.79 -6.62
C ASN A 240 -12.68 -1.50 -5.29
N ASN A 241 -11.64 -2.11 -4.71
CA ASN A 241 -11.81 -2.82 -3.44
C ASN A 241 -10.85 -2.37 -2.35
N MET A 242 -9.80 -1.61 -2.68
CA MET A 242 -8.72 -1.24 -1.75
C MET A 242 -8.13 -2.46 -1.06
N ALA A 243 -7.97 -3.53 -1.83
CA ALA A 243 -7.15 -4.63 -1.35
C ALA A 243 -5.73 -4.15 -1.20
N HIS A 244 -5.06 -4.59 -0.14
CA HIS A 244 -3.62 -4.38 -0.04
C HIS A 244 -2.93 -5.06 -1.22
N VAL A 245 -2.06 -4.33 -1.90
CA VAL A 245 -1.40 -4.86 -3.07
C VAL A 245 0.10 -4.96 -2.80
N GLN A 246 0.64 -6.18 -2.87
CA GLN A 246 2.07 -6.45 -2.75
C GLN A 246 2.56 -6.83 -4.14
N LEU A 247 3.14 -5.86 -4.83
CA LEU A 247 3.43 -6.01 -6.26
C LEU A 247 4.93 -5.93 -6.47
N GLU A 248 5.49 -6.91 -7.19
CA GLU A 248 6.93 -7.05 -7.40
C GLU A 248 7.16 -7.06 -8.91
N LEU A 249 7.65 -5.95 -9.45
CA LEU A 249 7.53 -5.68 -10.88
C LEU A 249 8.92 -5.66 -11.54
N GLY A 250 9.08 -4.85 -12.58
CA GLY A 250 10.26 -4.96 -13.44
C GLY A 250 11.51 -4.43 -12.77
N GLY A 251 12.65 -4.69 -13.43
CA GLY A 251 13.91 -4.20 -12.95
C GLY A 251 14.81 -3.74 -14.08
N LYS A 252 15.84 -3.00 -13.71
CA LYS A 252 16.86 -2.56 -14.65
C LYS A 252 18.17 -2.38 -13.86
N ALA A 253 18.62 -3.46 -13.23
CA ALA A 253 19.70 -3.40 -12.26
C ALA A 253 21.01 -2.96 -12.90
N PRO A 254 21.62 -1.88 -12.43
CA PRO A 254 23.00 -1.58 -12.85
C PRO A 254 24.00 -2.50 -12.17
N PHE A 255 25.06 -2.85 -12.91
CA PHE A 255 26.23 -3.53 -12.35
C PHE A 255 27.43 -2.61 -12.55
N ILE A 256 28.05 -2.21 -11.44
CA ILE A 256 28.99 -1.09 -11.41
C ILE A 256 30.36 -1.63 -11.01
N VAL A 257 31.36 -1.36 -11.86
CA VAL A 257 32.74 -1.77 -11.61
C VAL A 257 33.54 -0.50 -11.35
N MET A 258 33.81 -0.21 -10.09
CA MET A 258 34.62 0.97 -9.74
C MET A 258 36.08 0.73 -10.11
N GLU A 259 36.86 1.81 -10.06
CA GLU A 259 38.26 1.72 -10.47
C GLU A 259 39.06 0.78 -9.57
N ASP A 260 38.66 0.62 -8.31
CA ASP A 260 39.41 -0.22 -7.37
C ASP A 260 38.83 -1.61 -7.22
N ALA A 261 37.97 -2.04 -8.13
CA ALA A 261 37.35 -3.36 -7.98
C ALA A 261 38.36 -4.46 -8.22
N ASP A 262 38.19 -5.56 -7.50
CA ASP A 262 38.78 -6.85 -7.87
C ASP A 262 38.17 -7.28 -9.21
N LEU A 263 38.91 -7.10 -10.31
CA LEU A 263 38.34 -7.25 -11.64
C LEU A 263 37.87 -8.67 -11.92
N GLU A 264 38.64 -9.67 -11.48
CA GLU A 264 38.26 -11.05 -11.75
C GLU A 264 37.00 -11.42 -10.98
N GLN A 265 36.92 -11.02 -9.71
CA GLN A 265 35.71 -11.20 -8.93
C GLN A 265 34.52 -10.48 -9.56
N ALA A 266 34.74 -9.23 -9.96
CA ALA A 266 33.67 -8.44 -10.58
C ALA A 266 33.22 -9.06 -11.90
N ALA A 267 34.16 -9.55 -12.71
CA ALA A 267 33.80 -10.12 -14.00
C ALA A 267 32.92 -11.35 -13.85
N ALA A 268 33.24 -12.22 -12.88
CA ALA A 268 32.46 -13.44 -12.68
C ALA A 268 31.07 -13.14 -12.11
N ALA A 269 30.97 -12.21 -11.15
CA ALA A 269 29.66 -11.83 -10.61
C ALA A 269 28.81 -11.15 -11.67
N ALA A 270 29.43 -10.34 -12.52
CA ALA A 270 28.73 -9.70 -13.62
C ALA A 270 28.25 -10.71 -14.66
N LEU A 271 29.08 -11.72 -14.94
CA LEU A 271 28.73 -12.73 -15.93
C LEU A 271 27.47 -13.49 -15.52
N HIS A 272 27.45 -14.05 -14.31
CA HIS A 272 26.27 -14.77 -13.82
C HIS A 272 25.08 -13.85 -13.57
N SER A 273 25.32 -12.62 -13.09
CA SER A 273 24.19 -11.73 -12.83
C SER A 273 23.42 -11.37 -14.10
N ARG A 274 24.05 -11.42 -15.27
CA ARG A 274 23.31 -11.12 -16.48
C ARG A 274 22.74 -12.38 -17.15
N PHE A 275 23.51 -13.48 -17.19
CA PHE A 275 23.16 -14.61 -18.02
C PHE A 275 22.56 -15.78 -17.25
N ASP A 276 22.44 -15.67 -15.92
CA ASP A 276 21.61 -16.61 -15.16
C ASP A 276 20.23 -16.68 -15.78
N ASN A 277 19.70 -17.89 -15.91
CA ASN A 277 18.33 -18.09 -16.38
C ASN A 277 18.07 -17.36 -17.70
N CYS A 278 19.09 -17.30 -18.56
CA CYS A 278 18.98 -16.64 -19.87
C CYS A 278 18.56 -15.19 -19.72
N GLY A 279 19.05 -14.53 -18.66
CA GLY A 279 18.67 -13.15 -18.40
C GLY A 279 17.27 -12.97 -17.83
N GLN A 280 16.58 -14.05 -17.51
CA GLN A 280 15.18 -13.96 -17.08
C GLN A 280 15.10 -14.04 -15.55
N VAL A 281 15.64 -13.00 -14.92
CA VAL A 281 15.62 -12.79 -13.48
C VAL A 281 15.43 -11.30 -13.24
N CYS A 282 14.56 -10.95 -12.29
CA CYS A 282 14.18 -9.56 -12.06
C CYS A 282 15.30 -8.76 -11.40
N THR A 283 16.35 -9.42 -10.93
CA THR A 283 17.51 -8.75 -10.35
C THR A 283 18.72 -8.82 -11.26
N CYS A 284 18.55 -9.29 -12.51
CA CYS A 284 19.67 -9.48 -13.41
C CYS A 284 20.44 -8.17 -13.63
N ASN A 285 21.74 -8.33 -13.83
CA ASN A 285 22.58 -7.27 -14.36
C ASN A 285 22.10 -6.89 -15.75
N GLU A 286 21.47 -5.73 -15.87
CA GLU A 286 20.85 -5.28 -17.11
C GLU A 286 21.58 -4.14 -17.79
N ARG A 287 22.50 -3.47 -17.10
CA ARG A 287 23.34 -2.40 -17.63
C ARG A 287 24.64 -2.46 -16.85
N MET A 288 25.77 -2.58 -17.54
CA MET A 288 27.05 -2.70 -16.86
C MET A 288 27.84 -1.41 -17.04
N TYR A 289 28.17 -0.77 -15.92
CA TYR A 289 28.97 0.45 -15.90
C TYR A 289 30.39 0.10 -15.46
N VAL A 290 31.37 0.41 -16.30
CA VAL A 290 32.76 0.05 -16.04
C VAL A 290 33.60 1.32 -16.03
N HIS A 291 34.31 1.54 -14.93
CA HIS A 291 35.18 2.69 -14.82
C HIS A 291 36.21 2.66 -15.95
N GLY A 292 36.40 3.82 -16.60
CA GLY A 292 37.29 3.88 -17.76
C GLY A 292 38.71 3.44 -17.46
N ALA A 293 39.14 3.57 -16.20
CA ALA A 293 40.51 3.21 -15.86
C ALA A 293 40.74 1.69 -15.82
N VAL A 294 39.69 0.89 -15.69
CA VAL A 294 39.84 -0.56 -15.71
C VAL A 294 39.11 -1.20 -16.89
N TYR A 295 38.57 -0.40 -17.81
CA TYR A 295 37.66 -0.92 -18.82
C TYR A 295 38.32 -2.01 -19.67
N ASP A 296 39.51 -1.74 -20.21
CA ASP A 296 40.11 -2.69 -21.14
C ASP A 296 40.48 -3.99 -20.43
N GLU A 297 41.11 -3.88 -19.25
CA GLU A 297 41.50 -5.09 -18.54
C GLU A 297 40.27 -5.87 -18.09
N PHE A 298 39.27 -5.16 -17.55
CA PHE A 298 38.04 -5.84 -17.13
C PHE A 298 37.34 -6.48 -18.31
N MET A 299 37.29 -5.80 -19.46
CA MET A 299 36.56 -6.35 -20.59
C MET A 299 37.23 -7.59 -21.15
N ARG A 300 38.58 -7.60 -21.17
CA ARG A 300 39.29 -8.79 -21.63
C ARG A 300 38.98 -9.99 -20.76
N ILE A 301 38.92 -9.79 -19.44
CA ILE A 301 38.52 -10.86 -18.54
C ILE A 301 37.07 -11.25 -18.79
N PHE A 302 36.20 -10.25 -18.89
CA PHE A 302 34.77 -10.52 -19.00
C PHE A 302 34.41 -11.17 -20.34
N MET A 303 34.95 -10.66 -21.45
CA MET A 303 34.62 -11.26 -22.75
C MET A 303 35.11 -12.69 -22.85
N GLY A 304 36.25 -13.02 -22.23
CA GLY A 304 36.65 -14.41 -22.16
C GLY A 304 35.56 -15.30 -21.58
N LYS A 305 34.92 -14.85 -20.49
CA LYS A 305 33.89 -15.66 -19.86
C LYS A 305 32.63 -15.73 -20.72
N VAL A 306 32.28 -14.65 -21.41
CA VAL A 306 31.08 -14.66 -22.26
C VAL A 306 31.24 -15.67 -23.38
N GLU A 307 32.40 -15.66 -24.06
CA GLU A 307 32.62 -16.56 -25.18
C GLU A 307 32.62 -18.02 -24.76
N ALA A 308 32.85 -18.31 -23.47
CA ALA A 308 32.79 -19.68 -22.98
C ALA A 308 31.38 -20.12 -22.59
N ILE A 309 30.39 -19.24 -22.61
CA ILE A 309 29.03 -19.69 -22.33
C ILE A 309 28.61 -20.65 -23.43
N LYS A 310 28.21 -21.86 -23.03
CA LYS A 310 27.68 -22.86 -23.96
C LYS A 310 26.16 -22.81 -23.90
N VAL A 311 25.53 -22.46 -25.03
CA VAL A 311 24.08 -22.41 -25.16
C VAL A 311 23.61 -23.74 -25.72
N GLY A 312 22.62 -24.34 -25.07
CA GLY A 312 22.07 -25.57 -25.59
C GLY A 312 20.98 -26.15 -24.72
N ASP A 313 20.74 -27.44 -24.92
CA ASP A 313 19.71 -28.21 -24.26
C ASP A 313 19.84 -28.09 -22.75
N PRO A 314 18.82 -27.58 -22.04
CA PRO A 314 18.96 -27.38 -20.59
C PRO A 314 18.99 -28.67 -19.77
N MET A 315 18.67 -29.83 -20.36
CA MET A 315 18.87 -31.10 -19.68
C MET A 315 20.31 -31.60 -19.82
N ASP A 316 21.08 -31.05 -20.75
CA ASP A 316 22.49 -31.40 -20.92
C ASP A 316 23.31 -30.62 -19.89
N PRO A 317 24.06 -31.29 -18.99
CA PRO A 317 24.83 -30.56 -17.97
C PRO A 317 25.94 -29.70 -18.53
N ALA A 318 26.29 -29.85 -19.81
CA ALA A 318 27.27 -28.97 -20.43
C ALA A 318 26.69 -27.60 -20.80
N SER A 319 25.36 -27.48 -20.90
CA SER A 319 24.75 -26.21 -21.25
C SER A 319 24.89 -25.21 -20.10
N ASP A 320 25.37 -24.01 -20.41
CA ASP A 320 25.39 -22.91 -19.46
C ASP A 320 24.20 -21.97 -19.62
N MET A 321 23.43 -22.10 -20.70
CA MET A 321 22.30 -21.21 -20.94
C MET A 321 21.33 -21.91 -21.86
N GLY A 322 20.04 -21.84 -21.54
CA GLY A 322 19.00 -22.44 -22.34
C GLY A 322 18.29 -21.46 -23.25
N PRO A 323 17.08 -21.80 -23.68
CA PRO A 323 16.34 -20.94 -24.61
C PRO A 323 15.59 -19.81 -23.91
N LYS A 324 15.23 -18.80 -24.71
CA LYS A 324 14.22 -17.82 -24.32
C LYS A 324 12.86 -18.49 -24.24
N VAL A 325 11.94 -17.87 -23.50
CA VAL A 325 10.75 -18.61 -23.07
C VAL A 325 9.73 -18.79 -24.20
N ASN A 326 9.65 -17.85 -25.15
CA ASN A 326 8.69 -18.01 -26.25
C ASN A 326 9.11 -17.14 -27.42
N ALA A 327 8.28 -17.17 -28.48
CA ALA A 327 8.63 -16.49 -29.72
C ALA A 327 8.57 -14.97 -29.58
N ASN A 328 7.56 -14.46 -28.87
CA ASN A 328 7.46 -13.02 -28.65
C ASN A 328 8.65 -12.49 -27.85
N GLU A 329 9.06 -13.20 -26.80
CA GLU A 329 10.24 -12.75 -26.04
C GLU A 329 11.49 -12.78 -26.92
N LEU A 330 11.61 -13.80 -27.78
CA LEU A 330 12.74 -13.89 -28.67
C LEU A 330 12.76 -12.73 -29.66
N ALA A 331 11.60 -12.40 -30.22
CA ALA A 331 11.54 -11.27 -31.15
C ALA A 331 11.93 -9.97 -30.45
N HIS A 332 11.57 -9.86 -29.17
CA HIS A 332 11.98 -8.71 -28.39
C HIS A 332 13.50 -8.61 -28.32
N MET A 333 14.21 -9.75 -28.21
CA MET A 333 15.67 -9.72 -28.25
C MET A 333 16.17 -9.13 -29.57
N GLU A 334 15.61 -9.61 -30.68
CA GLU A 334 16.04 -9.13 -31.99
C GLU A 334 15.72 -7.65 -32.17
N GLU A 335 14.57 -7.22 -31.66
CA GLU A 335 14.21 -5.82 -31.82
C GLU A 335 15.12 -4.92 -30.98
N LEU A 336 15.43 -5.33 -29.74
CA LEU A 336 16.26 -4.49 -28.88
C LEU A 336 17.67 -4.32 -29.44
N VAL A 337 18.21 -5.38 -30.05
CA VAL A 337 19.57 -5.30 -30.60
C VAL A 337 19.59 -4.39 -31.82
N ALA A 338 18.65 -4.61 -32.75
CA ALA A 338 18.56 -3.80 -33.96
C ALA A 338 18.36 -2.32 -33.62
N GLU A 339 17.52 -2.03 -32.63
CA GLU A 339 17.31 -0.65 -32.20
C GLU A 339 18.59 -0.06 -31.62
N ALA A 340 19.29 -0.83 -30.79
CA ALA A 340 20.55 -0.36 -30.22
C ALA A 340 21.57 -0.04 -31.29
N VAL A 341 21.69 -0.89 -32.33
CA VAL A 341 22.63 -0.61 -33.40
C VAL A 341 22.22 0.65 -34.16
N ASP A 342 20.92 0.78 -34.45
CA ASP A 342 20.40 1.96 -35.13
C ASP A 342 20.63 3.23 -34.31
N GLU A 343 20.67 3.12 -32.98
CA GLU A 343 20.96 4.26 -32.13
C GLU A 343 22.46 4.52 -31.98
N GLY A 344 23.32 3.59 -32.36
CA GLY A 344 24.76 3.84 -32.40
C GLY A 344 25.62 2.87 -31.60
N ALA A 345 25.02 1.84 -31.02
CA ALA A 345 25.81 0.88 -30.26
C ALA A 345 26.51 -0.11 -31.19
N THR A 346 27.52 -0.77 -30.64
CA THR A 346 28.27 -1.82 -31.32
C THR A 346 27.80 -3.17 -30.80
N VAL A 347 27.58 -4.12 -31.70
CA VAL A 347 27.41 -5.51 -31.26
C VAL A 347 28.81 -6.10 -31.10
N LEU A 348 29.31 -6.09 -29.87
CA LEU A 348 30.63 -6.66 -29.61
C LEU A 348 30.62 -8.17 -29.71
N PHE A 349 29.50 -8.81 -29.37
CA PHE A 349 29.45 -10.27 -29.36
C PHE A 349 28.00 -10.71 -29.40
N GLY A 350 27.73 -11.78 -30.14
CA GLY A 350 26.39 -12.32 -30.18
C GLY A 350 25.47 -11.46 -31.00
N GLY A 351 24.24 -11.26 -30.50
CA GLY A 351 23.27 -10.42 -31.18
C GLY A 351 22.38 -11.10 -32.21
N LYS A 352 22.48 -12.42 -32.36
CA LYS A 352 21.68 -13.15 -33.36
C LYS A 352 21.01 -14.36 -32.73
N LYS A 353 19.88 -14.76 -33.32
CA LYS A 353 19.33 -16.09 -33.10
C LYS A 353 20.39 -17.15 -33.38
N LEU A 354 20.44 -18.18 -32.53
CA LEU A 354 21.40 -19.25 -32.78
C LEU A 354 21.05 -19.93 -34.09
N GLU A 355 22.09 -20.35 -34.81
CA GLU A 355 21.89 -20.88 -36.14
C GLU A 355 22.37 -22.32 -36.19
N GLY A 356 22.07 -22.97 -37.30
CA GLY A 356 22.56 -24.29 -37.58
C GLY A 356 21.62 -25.35 -37.04
N PRO A 357 21.65 -26.52 -37.66
CA PRO A 357 20.91 -27.66 -37.12
C PRO A 357 21.30 -27.91 -35.66
N GLU A 358 20.23 -28.14 -34.92
CA GLU A 358 20.26 -28.37 -33.52
C GLU A 358 19.37 -27.28 -32.85
N PHE A 359 19.21 -26.14 -33.49
CA PHE A 359 18.40 -25.03 -33.01
C PHE A 359 17.30 -24.61 -33.99
N GLU A 360 16.94 -25.47 -34.94
CA GLU A 360 15.86 -25.06 -35.84
C GLU A 360 14.50 -25.08 -35.17
N LYS A 361 14.38 -25.77 -34.03
CA LYS A 361 13.18 -25.72 -33.20
C LYS A 361 13.53 -25.09 -31.85
N GLY A 362 12.59 -24.35 -31.29
CA GLY A 362 12.84 -23.65 -30.05
C GLY A 362 13.28 -22.21 -30.31
N PHE A 363 13.50 -21.50 -29.21
CA PHE A 363 13.75 -20.06 -29.27
C PHE A 363 15.10 -19.77 -28.63
N TRP A 364 16.13 -19.60 -29.46
CA TRP A 364 17.52 -19.54 -29.03
C TRP A 364 18.17 -18.23 -29.44
N PHE A 365 18.70 -17.51 -28.47
CA PHE A 365 19.38 -16.24 -28.73
C PHE A 365 20.77 -16.26 -28.13
N GLU A 366 21.70 -15.61 -28.81
CA GLU A 366 23.07 -15.66 -28.33
C GLU A 366 23.29 -14.74 -27.15
N PRO A 367 24.20 -15.10 -26.24
CA PRO A 367 24.68 -14.11 -25.27
C PRO A 367 25.19 -12.88 -26.01
N THR A 368 24.70 -11.70 -25.62
CA THR A 368 24.95 -10.51 -26.42
C THR A 368 25.54 -9.40 -25.55
N VAL A 369 26.61 -8.78 -26.03
CA VAL A 369 27.24 -7.64 -25.37
C VAL A 369 27.24 -6.46 -26.33
N LEU A 370 26.77 -5.31 -25.85
CA LEU A 370 26.73 -4.06 -26.61
C LEU A 370 27.69 -3.06 -25.98
N THR A 371 28.53 -2.46 -26.80
CA THR A 371 29.55 -1.53 -26.36
C THR A 371 29.42 -0.24 -27.14
N ASN A 372 30.20 0.77 -26.74
CA ASN A 372 30.05 2.13 -27.26
C ASN A 372 28.61 2.61 -27.06
N VAL A 373 28.07 2.32 -25.87
CA VAL A 373 26.71 2.70 -25.51
C VAL A 373 26.74 4.01 -24.75
N THR A 374 25.83 4.92 -25.09
CA THR A 374 25.62 6.11 -24.28
C THR A 374 24.47 5.85 -23.31
N GLN A 375 24.48 6.63 -22.22
CA GLN A 375 23.52 6.46 -21.14
C GLN A 375 22.08 6.63 -21.62
N ASP A 376 21.86 7.40 -22.69
CA ASP A 376 20.49 7.70 -23.13
C ASP A 376 19.93 6.69 -24.12
N MET A 377 20.70 5.68 -24.54
CA MET A 377 20.16 4.67 -25.44
C MET A 377 19.04 3.87 -24.76
N THR A 378 18.07 3.45 -25.56
CA THR A 378 16.88 2.76 -25.03
C THR A 378 17.26 1.51 -24.26
N ILE A 379 18.27 0.78 -24.72
CA ILE A 379 18.66 -0.48 -24.08
C ILE A 379 19.17 -0.25 -22.67
N VAL A 380 19.54 0.99 -22.33
CA VAL A 380 19.94 1.33 -20.96
C VAL A 380 18.73 1.62 -20.07
N HIS A 381 17.54 1.77 -20.64
CA HIS A 381 16.35 2.14 -19.89
C HIS A 381 15.24 1.10 -19.95
N GLU A 382 15.05 0.46 -21.09
CA GLU A 382 13.97 -0.51 -21.23
C GLU A 382 14.45 -1.87 -20.76
N GLU A 383 13.67 -2.51 -19.90
CA GLU A 383 14.02 -3.84 -19.42
C GLU A 383 14.05 -4.83 -20.57
N SER A 384 15.12 -5.62 -20.62
CA SER A 384 15.25 -6.60 -21.69
C SER A 384 14.87 -8.00 -21.24
N PHE A 385 15.26 -8.38 -20.02
CA PHE A 385 14.88 -9.68 -19.47
C PHE A 385 15.36 -10.80 -20.37
N GLY A 386 16.58 -10.63 -20.90
CA GLY A 386 17.18 -11.60 -21.77
C GLY A 386 18.67 -11.41 -21.82
N PRO A 387 19.35 -12.22 -22.60
CA PRO A 387 20.82 -12.24 -22.58
C PRO A 387 21.43 -11.13 -23.42
N ILE A 388 21.09 -9.88 -23.08
CA ILE A 388 21.59 -8.70 -23.77
C ILE A 388 22.16 -7.76 -22.71
N LEU A 389 23.40 -7.32 -22.91
CA LEU A 389 24.09 -6.52 -21.90
C LEU A 389 24.78 -5.33 -22.54
N PRO A 390 24.27 -4.11 -22.34
CA PRO A 390 25.01 -2.91 -22.77
C PRO A 390 26.05 -2.53 -21.73
N VAL A 391 27.16 -1.95 -22.20
CA VAL A 391 28.30 -1.61 -21.36
C VAL A 391 28.61 -0.13 -21.54
N ILE A 392 28.66 0.60 -20.43
CA ILE A 392 28.81 2.06 -20.43
C ILE A 392 30.05 2.43 -19.62
N LYS A 393 30.87 3.32 -20.17
CA LYS A 393 31.99 3.86 -19.42
C LYS A 393 31.52 4.96 -18.48
N PHE A 394 32.30 5.16 -17.41
CA PHE A 394 32.08 6.31 -16.54
C PHE A 394 33.41 6.69 -15.90
N ASP A 395 33.45 7.91 -15.37
CA ASP A 395 34.69 8.49 -14.87
C ASP A 395 34.69 8.72 -13.37
N SER A 396 33.53 8.84 -12.73
CA SER A 396 33.50 9.15 -11.31
C SER A 396 32.34 8.43 -10.65
N PHE A 397 32.46 8.29 -9.33
CA PHE A 397 31.37 7.73 -8.52
C PHE A 397 30.10 8.57 -8.66
N ASP A 398 30.24 9.90 -8.58
CA ASP A 398 29.06 10.76 -8.69
C ASP A 398 28.35 10.55 -10.02
N GLU A 399 29.12 10.38 -11.10
CA GLU A 399 28.52 10.17 -12.41
C GLU A 399 27.74 8.86 -12.45
N VAL A 400 28.35 7.77 -11.95
CA VAL A 400 27.69 6.47 -12.02
C VAL A 400 26.49 6.38 -11.07
N ILE A 401 26.45 7.19 -10.01
CA ILE A 401 25.24 7.27 -9.19
C ILE A 401 24.11 7.92 -9.97
N GLU A 402 24.41 9.02 -10.66
CA GLU A 402 23.41 9.63 -11.52
C GLU A 402 22.96 8.65 -12.60
N TYR A 403 23.90 7.96 -13.25
CA TYR A 403 23.51 6.97 -14.26
C TYR A 403 22.63 5.90 -13.64
N ALA A 404 23.03 5.33 -12.50
CA ALA A 404 22.24 4.28 -11.85
C ALA A 404 20.84 4.75 -11.56
N ASN A 405 20.69 5.96 -11.00
CA ASN A 405 19.38 6.50 -10.62
C ASN A 405 18.56 7.00 -11.80
N ASP A 406 19.17 7.21 -12.96
CA ASP A 406 18.45 7.69 -14.14
C ASP A 406 17.65 6.51 -14.70
N SER A 407 16.44 6.28 -14.16
CA SER A 407 15.76 5.00 -14.33
C SER A 407 14.35 5.06 -13.74
N ASP A 408 13.40 4.38 -14.39
CA ASP A 408 12.06 4.19 -13.82
C ASP A 408 12.00 2.99 -12.87
N TYR A 409 13.07 2.19 -12.82
CA TYR A 409 13.15 1.01 -11.98
C TYR A 409 14.12 1.26 -10.83
N GLY A 410 13.97 0.47 -9.77
CA GLY A 410 14.74 0.66 -8.56
C GLY A 410 14.70 -0.57 -7.67
N LEU A 411 14.91 -1.74 -8.28
CA LEU A 411 14.93 -2.97 -7.50
C LEU A 411 16.35 -3.31 -7.09
N ALA A 412 17.11 -3.95 -7.96
CA ALA A 412 18.43 -4.46 -7.62
C ALA A 412 19.52 -3.52 -8.14
N ALA A 413 20.68 -3.61 -7.50
CA ALA A 413 21.87 -2.88 -7.91
C ALA A 413 23.08 -3.67 -7.41
N MET A 414 24.15 -3.70 -8.20
CA MET A 414 25.38 -4.41 -7.87
C MET A 414 26.57 -3.47 -8.05
N ILE A 415 27.47 -3.43 -7.08
CA ILE A 415 28.65 -2.57 -7.16
C ILE A 415 29.86 -3.34 -6.65
N CYS A 416 30.98 -3.23 -7.35
CA CYS A 416 32.24 -3.85 -6.96
C CYS A 416 33.26 -2.76 -6.68
N THR A 417 33.79 -2.74 -5.46
CA THR A 417 34.71 -1.70 -5.03
C THR A 417 35.37 -2.14 -3.73
N GLN A 418 36.52 -1.56 -3.43
CA GLN A 418 37.17 -1.74 -2.13
C GLN A 418 36.96 -0.55 -1.22
N ASN A 419 36.25 0.46 -1.69
CA ASN A 419 36.23 1.77 -1.08
C ASN A 419 35.04 1.83 -0.12
N MET A 420 35.33 1.81 1.19
CA MET A 420 34.25 1.84 2.17
C MET A 420 33.47 3.14 2.11
N HIS A 421 34.09 4.22 1.64
CA HIS A 421 33.34 5.46 1.54
C HIS A 421 32.26 5.37 0.46
N TYR A 422 32.59 4.79 -0.70
CA TYR A 422 31.59 4.59 -1.74
C TYR A 422 30.42 3.77 -1.22
N ILE A 423 30.72 2.66 -0.54
CA ILE A 423 29.68 1.75 -0.07
C ILE A 423 28.80 2.43 0.96
N ASN A 424 29.38 3.30 1.79
CA ASN A 424 28.57 4.01 2.77
C ASN A 424 27.67 5.04 2.10
N ARG A 425 28.13 5.65 1.00
CA ARG A 425 27.30 6.64 0.33
C ARG A 425 26.09 6.02 -0.35
N LEU A 426 26.13 4.70 -0.63
CA LEU A 426 25.01 4.03 -1.29
C LEU A 426 23.72 4.17 -0.51
N LEU A 427 23.82 4.17 0.82
CA LEU A 427 22.63 4.14 1.66
C LEU A 427 21.73 5.34 1.38
N THR A 428 22.32 6.51 1.13
CA THR A 428 21.54 7.70 0.85
C THR A 428 21.47 8.06 -0.63
N GLU A 429 22.41 7.60 -1.47
CA GLU A 429 22.51 8.12 -2.83
C GLU A 429 22.09 7.14 -3.93
N LEU A 430 22.04 5.84 -3.66
CA LEU A 430 21.68 4.84 -4.67
C LEU A 430 20.23 4.44 -4.47
N GLU A 431 19.37 4.79 -5.43
CA GLU A 431 17.92 4.57 -5.32
C GLU A 431 17.56 3.18 -5.85
N SER A 432 18.02 2.19 -5.11
CA SER A 432 17.69 0.79 -5.30
C SER A 432 17.39 0.17 -3.94
N GLY A 433 16.38 -0.72 -3.89
CA GLY A 433 16.01 -1.36 -2.65
C GLY A 433 16.81 -2.60 -2.26
N GLU A 434 17.59 -3.16 -3.16
CA GLU A 434 18.28 -4.42 -2.89
C GLU A 434 19.65 -4.30 -3.53
N ILE A 435 20.68 -4.10 -2.70
CA ILE A 435 22.01 -3.71 -3.14
C ILE A 435 22.98 -4.83 -2.80
N TYR A 436 23.76 -5.26 -3.81
CA TYR A 436 24.76 -6.30 -3.66
C TYR A 436 26.15 -5.71 -3.82
N VAL A 437 27.02 -5.94 -2.85
CA VAL A 437 28.36 -5.36 -2.85
C VAL A 437 29.37 -6.50 -3.03
N ASN A 438 30.20 -6.39 -4.06
CA ASN A 438 31.28 -7.35 -4.35
C ASN A 438 30.75 -8.79 -4.45
N ARG A 439 29.61 -8.95 -5.11
CA ARG A 439 29.04 -10.23 -5.47
C ARG A 439 27.89 -9.97 -6.45
N GLY A 440 27.33 -11.06 -6.98
CA GLY A 440 26.23 -10.98 -7.93
C GLY A 440 24.87 -11.03 -7.25
N HIS A 441 23.83 -11.06 -8.07
CA HIS A 441 22.46 -11.04 -7.56
C HIS A 441 22.14 -12.37 -6.85
N GLY A 442 20.94 -12.41 -6.28
CA GLY A 442 20.44 -13.60 -5.62
C GLY A 442 20.09 -13.31 -4.18
N GLU A 443 18.81 -13.20 -3.88
CA GLU A 443 18.35 -12.79 -2.55
C GLU A 443 18.02 -14.01 -1.70
N GLN A 444 17.74 -13.75 -0.43
CA GLN A 444 17.54 -14.81 0.55
C GLN A 444 16.25 -14.60 1.33
N HIS A 445 15.71 -15.71 1.83
CA HIS A 445 14.38 -15.72 2.43
C HIS A 445 14.27 -14.78 3.62
N GLN A 446 15.36 -14.59 4.37
CA GLN A 446 15.38 -13.69 5.52
C GLN A 446 15.59 -12.22 5.12
N GLY A 447 15.90 -11.94 3.86
CA GLY A 447 16.06 -10.57 3.40
C GLY A 447 14.74 -9.87 3.17
N PHE A 448 14.79 -8.78 2.41
CA PHE A 448 13.58 -8.05 2.03
C PHE A 448 13.70 -7.63 0.58
N HIS A 449 12.87 -8.23 -0.26
CA HIS A 449 12.93 -8.05 -1.72
C HIS A 449 12.00 -6.88 -2.05
N ASN A 450 12.59 -5.69 -2.21
CA ASN A 450 11.83 -4.45 -2.15
C ASN A 450 12.23 -3.53 -3.30
N GLY A 451 11.25 -3.07 -4.07
CA GLY A 451 11.54 -2.25 -5.23
C GLY A 451 11.10 -0.80 -5.17
N TYR A 452 12.01 0.12 -5.47
CA TYR A 452 11.66 1.53 -5.51
C TYR A 452 11.08 1.89 -6.88
N LYS A 453 10.40 3.02 -6.93
CA LYS A 453 9.86 3.56 -8.18
C LYS A 453 8.91 2.52 -8.77
N LEU A 454 8.95 2.28 -10.08
CA LEU A 454 8.01 1.37 -10.71
C LEU A 454 8.44 -0.09 -10.64
N SER A 455 9.38 -0.43 -9.75
CA SER A 455 9.74 -1.83 -9.51
C SER A 455 8.80 -2.51 -8.51
N GLY A 456 7.85 -1.80 -7.93
CA GLY A 456 6.82 -2.44 -7.12
C GLY A 456 6.41 -1.58 -5.96
N THR A 457 5.43 -2.09 -5.23
CA THR A 457 4.92 -1.34 -4.08
C THR A 457 5.73 -1.72 -2.85
N GLY A 458 5.07 -2.30 -1.85
CA GLY A 458 5.82 -2.90 -0.75
C GLY A 458 6.60 -4.12 -1.19
N GLY A 459 7.57 -4.50 -0.37
CA GLY A 459 8.45 -5.61 -0.69
C GLY A 459 7.93 -6.96 -0.25
N GLU A 460 8.70 -7.99 -0.59
CA GLU A 460 8.35 -9.39 -0.36
C GLU A 460 9.44 -10.05 0.47
N ASP A 461 9.09 -11.17 1.11
CA ASP A 461 10.01 -12.03 1.87
C ASP A 461 10.36 -11.47 3.24
N GLY A 462 10.92 -12.33 4.08
CA GLY A 462 11.39 -11.90 5.36
C GLY A 462 10.28 -11.42 6.27
N LYS A 463 10.72 -10.78 7.35
CA LYS A 463 9.82 -10.24 8.36
C LYS A 463 8.85 -9.23 7.76
N TYR A 464 9.34 -8.28 6.99
CA TYR A 464 8.46 -7.22 6.52
C TYR A 464 7.57 -7.66 5.37
N GLY A 465 7.90 -8.75 4.69
CA GLY A 465 7.00 -9.31 3.72
C GLY A 465 5.89 -10.11 4.40
N PHE A 466 6.26 -10.91 5.39
CA PHE A 466 5.25 -11.71 6.08
C PHE A 466 4.16 -10.85 6.70
N GLU A 467 4.55 -9.76 7.36
CA GLU A 467 3.59 -8.96 8.11
C GLU A 467 2.55 -8.29 7.21
N GLN A 468 2.81 -8.17 5.91
CA GLN A 468 1.81 -7.59 5.00
C GLN A 468 0.64 -8.53 4.78
N TYR A 469 0.80 -9.80 5.10
CA TYR A 469 -0.29 -10.77 5.01
C TYR A 469 -1.20 -10.73 6.22
N LEU A 470 -1.03 -9.73 7.09
CA LEU A 470 -1.86 -9.59 8.27
C LEU A 470 -2.50 -8.20 8.30
N GLU A 471 -3.69 -8.16 8.86
CA GLU A 471 -4.46 -6.96 9.08
C GLU A 471 -4.48 -6.66 10.57
N LYS A 472 -4.83 -5.43 10.92
CA LYS A 472 -4.94 -5.05 12.32
C LYS A 472 -6.37 -4.67 12.66
N LYS A 473 -6.69 -4.82 13.94
CA LYS A 473 -7.97 -4.43 14.48
C LYS A 473 -7.75 -3.79 15.85
N THR A 474 -8.30 -2.60 16.03
CA THR A 474 -8.07 -1.79 17.23
C THR A 474 -9.36 -1.72 18.03
N PHE A 475 -9.26 -2.01 19.33
CA PHE A 475 -10.39 -1.98 20.24
C PHE A 475 -10.14 -0.94 21.32
N TYR A 476 -11.13 -0.08 21.55
CA TYR A 476 -11.18 0.81 22.70
C TYR A 476 -12.26 0.27 23.62
N ILE A 477 -11.85 -0.43 24.68
CA ILE A 477 -12.75 -1.12 25.59
C ILE A 477 -12.85 -0.28 26.86
N ASN A 478 -14.04 0.25 27.14
CA ASN A 478 -14.31 0.96 28.36
C ASN A 478 -14.93 0.04 29.40
N TYR A 479 -14.45 0.12 30.65
CA TYR A 479 -14.95 -0.71 31.77
C TYR A 479 -15.80 0.03 32.81
N LYS B 2 -8.54 40.25 2.84
CA LYS B 2 -7.34 39.47 3.15
C LYS B 2 -7.09 38.39 2.10
N GLN B 3 -5.86 38.32 1.62
CA GLN B 3 -5.47 37.31 0.66
C GLN B 3 -4.19 36.66 1.12
N TYR B 4 -4.23 35.34 1.32
CA TYR B 4 -3.08 34.53 1.66
C TYR B 4 -2.28 34.16 0.42
N GLN B 5 -1.01 33.83 0.63
CA GLN B 5 -0.18 33.26 -0.40
C GLN B 5 0.11 31.79 -0.08
N MET B 6 0.98 31.16 -0.85
CA MET B 6 1.39 29.79 -0.60
C MET B 6 2.81 29.77 -0.03
N TYR B 7 3.08 28.77 0.80
CA TYR B 7 4.36 28.70 1.49
C TYR B 7 5.23 27.64 0.79
N VAL B 8 6.18 28.09 0.00
CA VAL B 8 7.01 27.21 -0.83
C VAL B 8 8.47 27.62 -0.66
N GLY B 9 9.31 26.67 -0.25
CA GLY B 9 10.73 26.95 -0.07
C GLY B 9 11.03 28.10 0.86
N GLY B 10 10.32 28.20 1.98
CA GLY B 10 10.55 29.24 2.95
C GLY B 10 10.10 30.63 2.54
N GLU B 11 9.50 30.78 1.36
CA GLU B 11 8.98 32.05 0.89
C GLU B 11 7.46 31.97 0.68
N TRP B 12 6.83 33.14 0.63
CA TRP B 12 5.41 33.25 0.35
C TRP B 12 5.24 33.66 -1.11
N ILE B 13 4.54 32.83 -1.89
CA ILE B 13 4.38 33.08 -3.31
C ILE B 13 2.92 32.88 -3.72
N ASP B 14 2.58 33.49 -4.84
CA ASP B 14 1.27 33.36 -5.47
C ASP B 14 1.23 32.13 -6.37
N ALA B 15 0.01 31.67 -6.66
CA ALA B 15 -0.18 30.65 -7.68
C ALA B 15 0.30 31.16 -9.03
N SER B 16 0.92 30.29 -9.83
CA SER B 16 1.45 30.73 -11.11
C SER B 16 0.33 31.13 -12.07
N ASN B 17 -0.84 30.51 -11.98
CA ASN B 17 -2.03 31.13 -12.54
C ASN B 17 -2.49 32.22 -11.58
N GLY B 18 -3.17 33.22 -12.09
CA GLY B 18 -3.45 34.31 -11.18
C GLY B 18 -4.64 34.03 -10.27
N GLN B 19 -4.99 32.77 -10.08
CA GLN B 19 -6.30 32.42 -9.55
C GLN B 19 -6.33 32.41 -8.02
N THR B 20 -7.43 32.92 -7.47
CA THR B 20 -7.74 32.87 -6.04
C THR B 20 -9.03 32.08 -5.85
N GLU B 21 -9.38 31.85 -4.59
CA GLU B 21 -10.58 31.13 -4.21
C GLU B 21 -11.03 31.76 -2.88
N PRO B 22 -12.32 32.04 -2.70
CA PRO B 22 -12.77 32.61 -1.42
C PRO B 22 -12.97 31.55 -0.34
N VAL B 23 -12.82 31.99 0.91
CA VAL B 23 -13.11 31.16 2.08
C VAL B 23 -14.26 31.82 2.84
N VAL B 24 -15.35 31.10 3.02
CA VAL B 24 -16.60 31.66 3.52
C VAL B 24 -16.90 31.02 4.87
N SER B 25 -17.27 31.87 5.84
CA SER B 25 -17.65 31.37 7.16
C SER B 25 -18.98 30.64 7.07
N PRO B 26 -19.10 29.44 7.65
CA PRO B 26 -20.41 28.80 7.70
C PRO B 26 -21.34 29.47 8.70
N ILE B 27 -20.83 30.32 9.60
CA ILE B 27 -21.66 30.91 10.64
C ILE B 27 -22.55 32.00 10.05
N ASN B 28 -21.97 32.88 9.21
CA ASN B 28 -22.69 34.05 8.73
C ASN B 28 -22.48 34.32 7.24
N GLU B 29 -21.75 33.46 6.53
CA GLU B 29 -21.46 33.59 5.09
C GLU B 29 -20.61 34.81 4.79
N GLU B 30 -19.89 35.31 5.78
CA GLU B 30 -18.88 36.33 5.57
C GLU B 30 -17.69 35.74 4.81
N VAL B 31 -17.28 36.39 3.72
CA VAL B 31 -16.03 36.02 3.06
C VAL B 31 -14.89 36.38 4.00
N LEU B 32 -14.19 35.37 4.50
CA LEU B 32 -13.13 35.59 5.48
C LEU B 32 -11.84 36.03 4.81
N ALA B 33 -11.51 35.43 3.67
CA ALA B 33 -10.22 35.66 3.04
C ALA B 33 -10.24 35.02 1.67
N TYR B 34 -9.25 35.38 0.87
CA TYR B 34 -8.94 34.72 -0.38
C TYR B 34 -7.64 33.94 -0.22
N ILE B 35 -7.57 32.78 -0.86
CA ILE B 35 -6.37 31.96 -0.91
C ILE B 35 -5.95 31.81 -2.35
N GLN B 36 -4.70 31.39 -2.54
CA GLN B 36 -4.23 31.03 -3.87
C GLN B 36 -4.95 29.78 -4.36
N ASP B 37 -5.21 29.73 -5.66
CA ASP B 37 -5.92 28.60 -6.24
C ASP B 37 -5.04 27.99 -7.32
N ALA B 38 -3.88 27.46 -6.93
CA ALA B 38 -2.93 26.90 -7.88
C ALA B 38 -3.54 25.73 -8.64
N ASP B 39 -2.99 25.44 -9.82
CA ASP B 39 -3.42 24.24 -10.52
C ASP B 39 -2.24 23.31 -10.71
N ALA B 40 -2.36 22.36 -11.63
CA ALA B 40 -1.33 21.34 -11.78
C ALA B 40 0.03 21.92 -12.12
N SER B 41 0.08 23.09 -12.74
CA SER B 41 1.36 23.65 -13.15
C SER B 41 2.23 24.12 -11.98
N ASP B 42 1.71 24.17 -10.77
CA ASP B 42 2.53 24.52 -9.62
C ASP B 42 3.12 23.32 -8.88
N ALA B 43 2.78 22.09 -9.29
CA ALA B 43 3.24 20.91 -8.56
C ALA B 43 4.76 20.77 -8.62
N GLU B 44 5.34 20.90 -9.81
CA GLU B 44 6.74 20.51 -9.98
C GLU B 44 7.66 21.44 -9.20
N ARG B 45 7.36 22.73 -9.19
CA ARG B 45 8.19 23.67 -8.46
C ARG B 45 8.27 23.30 -6.98
N VAL B 46 7.12 23.08 -6.34
CA VAL B 46 7.14 22.84 -4.91
C VAL B 46 7.73 21.47 -4.61
N LEU B 47 7.51 20.49 -5.50
CA LEU B 47 8.14 19.18 -5.30
C LEU B 47 9.66 19.26 -5.45
N ALA B 48 10.14 19.97 -6.48
CA ALA B 48 11.59 20.14 -6.65
C ALA B 48 12.21 20.82 -5.44
N VAL B 49 11.59 21.91 -4.97
CA VAL B 49 12.06 22.56 -3.76
C VAL B 49 12.04 21.60 -2.58
N ALA B 50 10.96 20.81 -2.45
CA ALA B 50 10.87 19.83 -1.36
C ALA B 50 11.94 18.75 -1.48
N THR B 51 12.23 18.33 -2.71
CA THR B 51 13.27 17.32 -2.93
C THR B 51 14.63 17.81 -2.48
N THR B 52 15.00 19.04 -2.86
CA THR B 52 16.28 19.61 -2.48
C THR B 52 16.41 19.73 -0.97
N ALA B 53 15.36 20.25 -0.32
CA ALA B 53 15.43 20.53 1.12
C ALA B 53 15.51 19.25 1.93
N GLN B 54 14.95 18.15 1.41
CA GLN B 54 14.92 16.90 2.16
C GLN B 54 16.31 16.31 2.30
N LYS B 55 17.19 16.50 1.30
CA LYS B 55 18.53 15.93 1.35
C LYS B 55 19.31 16.48 2.54
N GLU B 56 19.15 17.78 2.83
CA GLU B 56 19.81 18.39 3.98
C GLU B 56 19.08 18.06 5.28
N TRP B 57 17.74 18.06 5.27
CA TRP B 57 16.97 17.78 6.47
C TRP B 57 17.28 16.39 6.99
N ALA B 58 17.40 15.41 6.08
CA ALA B 58 17.68 14.04 6.47
C ALA B 58 19.04 13.92 7.17
N LYS B 59 20.00 14.77 6.80
CA LYS B 59 21.33 14.69 7.42
C LYS B 59 21.32 15.18 8.86
N GLN B 60 20.34 15.99 9.24
CA GLN B 60 20.31 16.45 10.61
C GLN B 60 20.06 15.28 11.55
N PRO B 61 20.80 15.17 12.65
CA PRO B 61 20.51 14.14 13.64
C PRO B 61 19.03 14.16 14.02
N ALA B 62 18.45 12.96 14.12
CA ALA B 62 17.04 12.84 14.44
C ALA B 62 16.66 13.63 15.69
N ARG B 63 17.59 13.76 16.64
CA ARG B 63 17.29 14.50 17.86
C ARG B 63 17.07 15.98 17.58
N GLN B 64 17.81 16.56 16.63
CA GLN B 64 17.60 17.95 16.27
C GLN B 64 16.26 18.14 15.57
N ARG B 65 15.93 17.29 14.60
CA ARG B 65 14.61 17.31 13.97
C ARG B 65 13.50 17.31 15.01
N ALA B 66 13.59 16.39 15.99
CA ALA B 66 12.58 16.32 17.06
C ALA B 66 12.57 17.59 17.91
N GLU B 67 13.72 18.22 18.10
CA GLU B 67 13.77 19.45 18.87
C GLU B 67 13.10 20.60 18.12
N VAL B 68 13.34 20.68 16.80
CA VAL B 68 12.69 21.69 15.98
C VAL B 68 11.18 21.50 15.98
N LEU B 69 10.72 20.26 15.77
CA LEU B 69 9.27 20.02 15.73
C LEU B 69 8.61 20.23 17.08
N ARG B 70 9.28 19.88 18.18
CA ARG B 70 8.74 20.17 19.49
C ARG B 70 8.57 21.66 19.69
N LYS B 71 9.49 22.47 19.14
CA LYS B 71 9.32 23.91 19.22
C LYS B 71 8.17 24.36 18.34
N PHE B 72 8.11 23.81 17.12
CA PHE B 72 6.97 24.06 16.24
C PHE B 72 5.65 23.75 16.93
N ALA B 73 5.56 22.58 17.58
CA ALA B 73 4.30 22.23 18.24
C ALA B 73 3.98 23.18 19.39
N GLN B 74 5.00 23.66 20.09
CA GLN B 74 4.76 24.58 21.20
C GLN B 74 4.35 25.95 20.70
N LEU B 75 4.96 26.40 19.58
CA LEU B 75 4.51 27.67 19.00
C LEU B 75 3.04 27.61 18.61
N ILE B 76 2.59 26.44 18.13
CA ILE B 76 1.16 26.26 17.85
C ILE B 76 0.34 26.41 19.13
N ARG B 77 0.81 25.79 20.21
CA ARG B 77 0.11 25.90 21.49
C ARG B 77 0.12 27.34 22.01
N ASP B 78 1.21 28.08 21.78
CA ASP B 78 1.25 29.49 22.19
C ASP B 78 0.15 30.29 21.51
N ASN B 79 -0.20 29.95 20.27
CA ASN B 79 -1.20 30.69 19.50
C ASN B 79 -2.54 29.98 19.47
N LYS B 80 -2.85 29.21 20.52
CA LYS B 80 -4.05 28.40 20.53
C LYS B 80 -5.30 29.25 20.33
N GLN B 81 -5.38 30.41 20.99
CA GLN B 81 -6.61 31.17 20.97
C GLN B 81 -6.86 31.78 19.60
N TYR B 82 -5.82 32.38 19.00
CA TYR B 82 -5.95 32.90 17.64
C TYR B 82 -6.34 31.78 16.66
N LEU B 83 -5.65 30.64 16.74
CA LEU B 83 -5.90 29.56 15.80
C LEU B 83 -7.26 28.91 16.02
N ALA B 84 -7.70 28.80 17.28
CA ALA B 84 -9.01 28.21 17.54
C ALA B 84 -10.13 29.10 17.02
N GLU B 85 -10.07 30.40 17.28
CA GLU B 85 -11.11 31.30 16.78
C GLU B 85 -11.12 31.31 15.26
N LEU B 86 -9.95 31.19 14.63
CA LEU B 86 -9.90 31.08 13.18
C LEU B 86 -10.57 29.79 12.69
N LEU B 87 -10.32 28.67 13.38
CA LEU B 87 -11.01 27.43 13.05
C LEU B 87 -12.53 27.58 13.20
N VAL B 88 -12.98 28.25 14.27
CA VAL B 88 -14.42 28.44 14.45
C VAL B 88 -15.01 29.24 13.30
N LYS B 89 -14.30 30.29 12.87
CA LYS B 89 -14.81 31.16 11.82
C LYS B 89 -14.78 30.47 10.46
N GLU B 90 -13.68 29.76 10.13
CA GLU B 90 -13.61 29.17 8.79
C GLU B 90 -14.37 27.85 8.69
N GLN B 91 -14.47 27.09 9.78
CA GLN B 91 -15.01 25.74 9.71
C GLN B 91 -16.33 25.57 10.45
N GLY B 92 -16.57 26.34 11.51
CA GLY B 92 -17.87 26.33 12.15
C GLY B 92 -17.98 25.50 13.39
N LYS B 93 -16.90 24.84 13.84
CA LYS B 93 -16.96 24.01 15.04
C LYS B 93 -17.03 24.89 16.29
N LEU B 94 -17.59 24.29 17.35
CA LEU B 94 -17.64 24.94 18.65
C LEU B 94 -16.26 25.37 19.10
N LEU B 95 -16.20 26.54 19.73
CA LEU B 95 -14.92 27.07 20.22
C LEU B 95 -14.20 26.04 21.07
N LYS B 96 -14.92 25.37 21.98
CA LYS B 96 -14.26 24.40 22.85
C LYS B 96 -13.72 23.21 22.06
N VAL B 97 -14.43 22.77 21.01
CA VAL B 97 -13.85 21.76 20.13
C VAL B 97 -12.66 22.32 19.37
N ALA B 98 -12.73 23.59 18.95
CA ALA B 98 -11.61 24.18 18.21
C ALA B 98 -10.36 24.25 19.07
N LEU B 99 -10.49 24.65 20.35
CA LEU B 99 -9.32 24.62 21.23
C LEU B 99 -8.78 23.20 21.34
N GLY B 100 -9.67 22.21 21.41
CA GLY B 100 -9.20 20.82 21.47
C GLY B 100 -8.49 20.39 20.20
N GLU B 101 -8.91 20.92 19.05
CA GLU B 101 -8.23 20.59 17.79
C GLU B 101 -6.82 21.17 17.73
N VAL B 102 -6.63 22.40 18.21
CA VAL B 102 -5.28 22.98 18.23
C VAL B 102 -4.37 22.14 19.11
N GLU B 103 -4.83 21.81 20.32
CA GLU B 103 -4.05 20.95 21.21
C GLU B 103 -3.69 19.63 20.54
N ALA B 104 -4.61 19.07 19.75
CA ALA B 104 -4.34 17.81 19.07
C ALA B 104 -3.31 18.00 17.97
N THR B 105 -3.31 19.15 17.33
CA THR B 105 -2.25 19.46 16.37
C THR B 105 -0.89 19.38 17.05
N SER B 106 -0.75 20.07 18.19
CA SER B 106 0.49 20.00 18.96
C SER B 106 0.81 18.60 19.42
N THR B 107 -0.18 17.86 19.94
CA THR B 107 0.15 16.56 20.48
C THR B 107 0.44 15.54 19.37
N PHE B 108 -0.20 15.67 18.21
CA PHE B 108 0.14 14.80 17.08
C PHE B 108 1.62 14.96 16.71
N ILE B 109 2.13 16.18 16.75
CA ILE B 109 3.53 16.41 16.44
C ILE B 109 4.42 15.92 17.57
N GLU B 110 4.04 16.20 18.82
CA GLU B 110 4.83 15.79 19.97
C GLU B 110 4.86 14.28 20.12
N TYR B 111 3.77 13.59 19.78
CA TYR B 111 3.78 12.14 19.83
C TYR B 111 4.77 11.56 18.82
N ALA B 112 4.81 12.12 17.61
CA ALA B 112 5.72 11.61 16.59
C ALA B 112 7.17 11.81 16.99
N CYS B 113 7.46 12.89 17.71
CA CYS B 113 8.83 13.14 18.17
C CYS B 113 9.37 12.00 19.02
N ASP B 114 8.49 11.30 19.77
CA ASP B 114 8.99 10.19 20.57
C ASP B 114 9.54 9.06 19.71
N TRP B 115 9.19 9.02 18.42
CA TRP B 115 9.70 8.02 17.49
C TRP B 115 11.00 8.42 16.85
N ALA B 116 11.52 9.61 17.19
CA ALA B 116 12.81 10.07 16.65
C ALA B 116 13.92 9.04 16.86
N ARG B 117 13.85 8.25 17.92
CA ARG B 117 14.91 7.30 18.23
C ARG B 117 14.47 5.84 18.03
N GLN B 118 13.48 5.59 17.19
CA GLN B 118 12.97 4.24 16.99
C GLN B 118 13.04 3.86 15.51
N MET B 119 14.18 4.13 14.88
CA MET B 119 14.36 3.87 13.46
C MET B 119 15.57 2.96 13.21
N ASP B 120 15.84 2.06 14.13
CA ASP B 120 16.94 1.12 13.98
C ASP B 120 16.67 0.14 12.83
N GLY B 121 17.73 -0.23 12.13
CA GLY B 121 17.66 -1.27 11.12
C GLY B 121 17.95 -2.64 11.71
N ASP B 122 18.02 -3.63 10.82
CA ASP B 122 18.20 -5.02 11.22
C ASP B 122 19.51 -5.58 10.67
N ILE B 123 20.23 -6.30 11.53
CA ILE B 123 21.39 -7.09 11.11
C ILE B 123 20.88 -8.52 10.93
N VAL B 124 20.90 -9.00 9.69
CA VAL B 124 20.32 -10.29 9.36
C VAL B 124 21.45 -11.25 9.02
N LYS B 125 21.42 -12.44 9.62
CA LYS B 125 22.48 -13.42 9.41
C LYS B 125 22.33 -14.06 8.03
N SER B 126 23.42 -14.10 7.28
CA SER B 126 23.38 -14.65 5.93
C SER B 126 23.64 -16.16 5.93
N ASP B 127 23.05 -16.84 4.93
CA ASP B 127 23.36 -18.25 4.72
C ASP B 127 24.78 -18.46 4.21
N ASN B 128 25.41 -17.42 3.70
CA ASN B 128 26.72 -17.51 3.10
C ASN B 128 27.76 -16.98 4.08
N ALA B 129 28.90 -17.66 4.13
CA ALA B 129 29.98 -17.27 5.04
C ALA B 129 30.63 -15.96 4.57
N ASN B 130 31.09 -15.18 5.54
CA ASN B 130 31.78 -13.92 5.27
C ASN B 130 30.87 -12.95 4.53
N GLU B 131 29.60 -12.93 4.92
CA GLU B 131 28.58 -12.11 4.28
C GLU B 131 27.63 -11.61 5.33
N GLN B 132 27.15 -10.37 5.15
CA GLN B 132 26.20 -9.78 6.05
C GLN B 132 25.03 -9.21 5.25
N ILE B 133 23.83 -9.40 5.77
CA ILE B 133 22.63 -8.79 5.21
C ILE B 133 22.20 -7.68 6.14
N MET B 134 22.06 -6.47 5.59
CA MET B 134 21.68 -5.30 6.35
C MET B 134 20.39 -4.73 5.78
N ILE B 135 19.40 -4.51 6.64
CA ILE B 135 18.15 -3.89 6.27
C ILE B 135 18.03 -2.59 7.05
N HIS B 136 18.28 -1.48 6.37
CA HIS B 136 18.21 -0.14 6.95
C HIS B 136 16.81 0.46 6.79
N LYS B 137 16.45 1.34 7.72
CA LYS B 137 15.29 2.22 7.58
C LYS B 137 15.77 3.59 7.12
N ILE B 138 15.14 4.13 6.08
CA ILE B 138 15.52 5.42 5.53
C ILE B 138 14.26 6.22 5.22
N PRO B 139 14.38 7.53 5.09
CA PRO B 139 13.22 8.34 4.68
C PRO B 139 12.73 7.94 3.31
N ARG B 140 11.43 8.17 3.06
CA ARG B 140 10.91 8.00 1.72
C ARG B 140 11.35 9.13 0.80
N GLY B 141 11.40 10.35 1.32
CA GLY B 141 11.81 11.48 0.51
C GLY B 141 10.83 12.61 0.68
N VAL B 142 9.94 12.79 -0.30
CA VAL B 142 8.96 13.86 -0.28
C VAL B 142 7.59 13.24 -0.03
N VAL B 143 6.93 13.73 1.02
CA VAL B 143 5.59 13.30 1.37
C VAL B 143 4.63 14.36 0.88
N VAL B 144 3.57 13.94 0.20
CA VAL B 144 2.44 14.81 -0.11
C VAL B 144 1.34 14.51 0.90
N ALA B 145 0.88 15.54 1.61
CA ALA B 145 -0.12 15.40 2.66
C ALA B 145 -1.37 16.18 2.28
N ILE B 146 -2.50 15.50 2.23
CA ILE B 146 -3.75 16.09 1.76
C ILE B 146 -4.78 15.97 2.87
N THR B 147 -5.45 17.06 3.18
CA THR B 147 -6.30 17.10 4.36
C THR B 147 -7.77 17.37 4.01
N ALA B 148 -8.63 17.02 4.95
CA ALA B 148 -10.06 17.24 4.89
C ALA B 148 -10.44 18.45 5.75
N TRP B 149 -11.70 18.88 5.65
CA TRP B 149 -12.11 20.15 6.23
C TRP B 149 -12.70 20.04 7.63
N ASN B 150 -13.05 18.84 8.11
CA ASN B 150 -13.71 18.74 9.40
C ASN B 150 -12.77 19.04 10.56
N PHE B 151 -11.51 18.61 10.47
CA PHE B 151 -10.48 18.98 11.44
C PHE B 151 -9.21 19.33 10.66
N PRO B 152 -9.24 20.42 9.89
CA PRO B 152 -8.14 20.68 8.95
C PRO B 152 -6.79 20.83 9.63
N LEU B 153 -6.74 21.59 10.73
CA LEU B 153 -5.46 21.85 11.38
C LEU B 153 -4.87 20.57 11.99
N ALA B 154 -5.70 19.77 12.68
CA ALA B 154 -5.16 18.57 13.31
C ALA B 154 -4.79 17.53 12.26
N LEU B 155 -5.58 17.42 11.20
CA LEU B 155 -5.20 16.48 10.14
C LEU B 155 -3.83 16.85 9.54
N ALA B 156 -3.48 18.15 9.52
CA ALA B 156 -2.16 18.52 9.02
C ALA B 156 -1.07 18.08 10.00
N GLY B 157 -1.22 18.44 11.28
CA GLY B 157 -0.25 17.98 12.29
C GLY B 157 -0.13 16.48 12.34
N ARG B 158 -1.26 15.78 12.22
CA ARG B 158 -1.27 14.31 12.17
C ARG B 158 -0.30 13.76 11.13
N LYS B 159 -0.11 14.48 10.02
CA LYS B 159 0.78 14.04 8.95
C LYS B 159 2.12 14.76 8.94
N ILE B 160 2.16 16.05 9.30
CA ILE B 160 3.44 16.76 9.41
C ILE B 160 4.39 16.05 10.38
N GLY B 161 3.89 15.73 11.58
CA GLY B 161 4.74 15.21 12.64
C GLY B 161 5.56 14.01 12.23
N PRO B 162 4.88 12.90 11.92
CA PRO B 162 5.63 11.69 11.51
C PRO B 162 6.51 11.89 10.28
N ALA B 163 6.04 12.65 9.27
CA ALA B 163 6.82 12.81 8.04
C ALA B 163 8.15 13.49 8.29
N LEU B 164 8.15 14.57 9.08
CA LEU B 164 9.36 15.35 9.27
C LEU B 164 10.31 14.68 10.27
N VAL B 165 9.74 14.06 11.32
CA VAL B 165 10.58 13.30 12.26
C VAL B 165 11.37 12.25 11.51
N ALA B 166 10.72 11.53 10.61
CA ALA B 166 11.35 10.43 9.88
C ALA B 166 12.35 10.92 8.83
N GLY B 167 12.64 12.21 8.76
CA GLY B 167 13.59 12.73 7.80
C GLY B 167 13.04 13.08 6.43
N ASN B 168 11.72 12.98 6.24
CA ASN B 168 11.12 13.41 4.98
C ASN B 168 10.91 14.93 4.98
N SER B 169 10.73 15.48 3.78
CA SER B 169 10.10 16.79 3.65
C SER B 169 8.63 16.58 3.28
N ILE B 170 7.84 17.66 3.39
CA ILE B 170 6.39 17.54 3.23
C ILE B 170 5.86 18.68 2.37
N VAL B 171 4.87 18.36 1.54
CA VAL B 171 4.10 19.35 0.80
C VAL B 171 2.65 19.16 1.21
N VAL B 172 2.11 20.09 2.00
CA VAL B 172 0.73 20.01 2.47
C VAL B 172 -0.16 20.73 1.47
N LYS B 173 -1.15 20.03 0.93
CA LYS B 173 -2.22 20.65 0.16
C LYS B 173 -3.48 20.55 1.00
N PRO B 174 -3.80 21.57 1.78
CA PRO B 174 -5.01 21.52 2.60
C PRO B 174 -6.27 21.53 1.75
N THR B 175 -7.34 20.98 2.31
CA THR B 175 -8.68 21.18 1.76
C THR B 175 -8.85 22.63 1.33
N SER B 176 -9.59 22.84 0.24
CA SER B 176 -9.87 24.20 -0.21
C SER B 176 -11.05 24.83 0.53
N GLU B 177 -11.79 24.04 1.30
CA GLU B 177 -12.89 24.62 2.07
C GLU B 177 -12.37 25.40 3.27
N THR B 178 -11.39 24.87 4.02
CA THR B 178 -10.96 25.47 5.28
C THR B 178 -9.43 25.40 5.44
N PRO B 179 -8.69 26.22 4.69
CA PRO B 179 -7.22 26.14 4.73
C PRO B 179 -6.53 27.23 5.54
N LEU B 180 -7.26 28.19 6.10
CA LEU B 180 -6.61 29.39 6.64
C LEU B 180 -5.73 29.07 7.84
N ALA B 181 -6.26 28.35 8.85
CA ALA B 181 -5.45 28.05 10.01
C ALA B 181 -4.25 27.21 9.61
N THR B 182 -4.43 26.30 8.66
CA THR B 182 -3.33 25.50 8.16
C THR B 182 -2.25 26.36 7.52
N LEU B 183 -2.65 27.36 6.72
CA LEU B 183 -1.71 28.30 6.13
C LEU B 183 -0.92 29.07 7.20
N GLU B 184 -1.54 29.36 8.35
CA GLU B 184 -0.85 30.10 9.40
C GLU B 184 0.35 29.32 9.94
N LEU B 185 0.31 27.98 9.88
CA LEU B 185 1.48 27.17 10.25
C LEU B 185 2.71 27.55 9.44
N GLY B 186 2.54 28.14 8.26
CA GLY B 186 3.69 28.61 7.50
C GLY B 186 4.54 29.57 8.30
N TYR B 187 3.92 30.53 8.97
CA TYR B 187 4.68 31.50 9.75
C TYR B 187 5.30 30.85 10.98
N LEU B 188 4.59 29.93 11.63
CA LEU B 188 5.15 29.26 12.80
C LEU B 188 6.28 28.31 12.41
N ALA B 189 6.16 27.68 11.24
CA ALA B 189 7.28 26.88 10.72
C ALA B 189 8.53 27.72 10.62
N GLU B 190 8.40 28.96 10.14
CA GLU B 190 9.57 29.81 10.02
C GLU B 190 10.10 30.23 11.40
N GLN B 191 9.19 30.58 12.33
CA GLN B 191 9.63 30.95 13.67
C GLN B 191 10.36 29.80 14.37
N ALA B 192 9.87 28.57 14.20
CA ALA B 192 10.49 27.41 14.83
C ALA B 192 11.83 27.04 14.23
N GLY B 193 12.18 27.58 13.06
CA GLY B 193 13.42 27.23 12.42
C GLY B 193 13.37 26.02 11.52
N ILE B 194 12.19 25.62 11.04
CA ILE B 194 12.09 24.55 10.05
C ILE B 194 12.76 25.04 8.78
N PRO B 195 13.81 24.36 8.30
CA PRO B 195 14.55 24.89 7.14
C PRO B 195 13.68 25.05 5.91
N ALA B 196 14.08 25.98 5.04
CA ALA B 196 13.28 26.36 3.89
C ALA B 196 13.05 25.16 2.97
N GLY B 197 11.78 24.86 2.69
CA GLY B 197 11.43 23.78 1.80
C GLY B 197 11.09 22.47 2.49
N VAL B 198 11.35 22.36 3.79
CA VAL B 198 11.01 21.13 4.50
C VAL B 198 9.51 21.04 4.73
N LEU B 199 8.87 22.16 5.00
CA LEU B 199 7.43 22.23 5.17
C LEU B 199 6.85 23.21 4.15
N ASN B 200 6.09 22.71 3.20
CA ASN B 200 5.48 23.55 2.19
C ASN B 200 3.97 23.43 2.28
N ILE B 201 3.26 24.53 2.01
CA ILE B 201 1.81 24.58 2.08
C ILE B 201 1.30 25.26 0.82
N VAL B 202 0.68 24.47 -0.07
CA VAL B 202 0.13 24.95 -1.33
C VAL B 202 -1.37 24.66 -1.35
N THR B 203 -2.14 25.62 -1.83
CA THR B 203 -3.60 25.53 -1.90
C THR B 203 -4.04 25.55 -3.36
N GLY B 204 -5.05 24.75 -3.68
CA GLY B 204 -5.54 24.64 -5.05
C GLY B 204 -6.44 23.44 -5.14
N GLY B 205 -6.95 23.20 -6.34
CA GLY B 205 -7.96 22.16 -6.50
C GLY B 205 -7.39 20.76 -6.25
N GLY B 206 -8.12 19.97 -5.47
CA GLY B 206 -7.75 18.57 -5.28
C GLY B 206 -7.64 17.80 -6.60
N ARG B 207 -8.58 18.03 -7.52
CA ARG B 207 -8.57 17.28 -8.77
C ARG B 207 -7.68 17.87 -9.84
N THR B 208 -7.02 18.99 -9.56
CA THR B 208 -6.03 19.57 -10.47
C THR B 208 -4.65 19.54 -9.83
N LEU B 209 -4.38 20.42 -8.85
CA LEU B 209 -3.10 20.43 -8.18
C LEU B 209 -2.88 19.14 -7.39
N GLY B 210 -3.85 18.78 -6.53
CA GLY B 210 -3.71 17.58 -5.73
C GLY B 210 -3.46 16.34 -6.56
N ASN B 211 -4.19 16.20 -7.66
CA ASN B 211 -4.00 15.06 -8.56
C ASN B 211 -2.62 15.07 -9.20
N GLU B 212 -2.10 16.26 -9.56
CA GLU B 212 -0.76 16.32 -10.12
C GLU B 212 0.31 15.96 -9.08
N LEU B 213 0.09 16.34 -7.82
CA LEU B 213 1.06 16.06 -6.77
C LEU B 213 1.17 14.56 -6.49
N VAL B 214 0.02 13.87 -6.38
CA VAL B 214 0.01 12.49 -5.90
C VAL B 214 0.66 11.53 -6.89
N GLY B 215 0.53 11.75 -8.18
CA GLY B 215 1.16 10.85 -9.14
C GLY B 215 2.54 11.26 -9.62
N HIS B 216 3.09 12.34 -9.08
CA HIS B 216 4.32 12.91 -9.63
C HIS B 216 5.52 12.02 -9.32
N ARG B 217 6.45 12.03 -10.27
CA ARG B 217 7.76 11.41 -10.14
C ARG B 217 8.44 11.70 -8.81
N MET B 218 8.40 12.96 -8.38
CA MET B 218 9.12 13.38 -7.18
C MET B 218 8.41 13.00 -5.90
N THR B 219 7.17 12.53 -5.98
CA THR B 219 6.37 12.22 -4.80
C THR B 219 6.61 10.77 -4.37
N ASN B 220 7.13 10.59 -3.16
CA ASN B 220 7.47 9.26 -2.67
C ASN B 220 6.41 8.66 -1.79
N MET B 221 5.52 9.48 -1.25
CA MET B 221 4.47 8.98 -0.40
C MET B 221 3.34 9.99 -0.41
N VAL B 222 2.12 9.48 -0.32
CA VAL B 222 0.92 10.29 -0.14
C VAL B 222 0.29 9.87 1.17
N SER B 223 0.09 10.83 2.07
CA SER B 223 -0.78 10.65 3.23
C SER B 223 -1.99 11.54 3.04
N MET B 224 -3.17 10.94 2.91
CA MET B 224 -4.34 11.73 2.53
C MET B 224 -5.53 11.31 3.35
N THR B 225 -6.30 12.31 3.77
CA THR B 225 -7.56 12.14 4.48
C THR B 225 -8.67 12.78 3.65
N GLY B 226 -9.79 12.09 3.50
CA GLY B 226 -10.86 12.62 2.68
C GLY B 226 -11.92 11.56 2.37
N SER B 227 -12.71 11.84 1.35
CA SER B 227 -13.78 10.93 0.97
C SER B 227 -13.23 9.76 0.17
N THR B 228 -14.01 8.68 0.12
CA THR B 228 -13.64 7.51 -0.67
C THR B 228 -13.45 7.81 -2.16
N PRO B 229 -14.35 8.54 -2.86
CA PRO B 229 -14.08 8.80 -4.29
C PRO B 229 -12.75 9.51 -4.56
N ALA B 230 -12.34 10.43 -3.69
CA ALA B 230 -11.07 11.09 -3.95
C ALA B 230 -9.91 10.15 -3.67
N GLY B 231 -10.04 9.32 -2.63
CA GLY B 231 -9.03 8.31 -2.37
C GLY B 231 -8.89 7.31 -3.51
N GLN B 232 -10.01 6.92 -4.12
CA GLN B 232 -9.94 6.05 -5.29
C GLN B 232 -9.22 6.71 -6.45
N SER B 233 -9.47 8.00 -6.67
CA SER B 233 -8.72 8.71 -7.71
C SER B 233 -7.23 8.68 -7.41
N ILE B 234 -6.85 8.84 -6.14
CA ILE B 234 -5.42 8.88 -5.80
C ILE B 234 -4.77 7.52 -6.01
N ILE B 235 -5.49 6.44 -5.65
CA ILE B 235 -4.98 5.10 -5.92
C ILE B 235 -4.67 4.93 -7.40
N ARG B 236 -5.62 5.31 -8.27
CA ARG B 236 -5.35 5.26 -9.71
C ARG B 236 -4.14 6.10 -10.08
N ALA B 237 -4.05 7.32 -9.55
CA ALA B 237 -2.92 8.19 -9.88
C ALA B 237 -1.59 7.55 -9.46
N SER B 238 -1.57 6.86 -8.33
CA SER B 238 -0.33 6.33 -7.81
C SER B 238 0.21 5.19 -8.65
N ALA B 239 -0.58 4.66 -9.59
CA ALA B 239 -0.03 3.75 -10.59
C ALA B 239 1.09 4.41 -11.39
N ASN B 240 1.11 5.74 -11.45
CA ASN B 240 2.10 6.43 -12.29
C ASN B 240 3.45 6.52 -11.60
N ASN B 241 3.50 6.56 -10.27
CA ASN B 241 4.76 6.64 -9.55
C ASN B 241 4.91 5.55 -8.50
N MET B 242 3.87 4.76 -8.21
CA MET B 242 3.87 3.75 -7.15
C MET B 242 4.36 4.32 -5.83
N ALA B 243 3.98 5.56 -5.57
CA ALA B 243 4.24 6.11 -4.25
C ALA B 243 3.42 5.35 -3.22
N HIS B 244 4.03 5.08 -2.07
CA HIS B 244 3.23 4.53 -0.98
C HIS B 244 2.05 5.46 -0.70
N VAL B 245 0.86 4.89 -0.51
CA VAL B 245 -0.34 5.69 -0.28
C VAL B 245 -0.94 5.32 1.07
N GLN B 246 -1.13 6.32 1.91
CA GLN B 246 -1.75 6.17 3.23
C GLN B 246 -3.03 7.00 3.17
N LEU B 247 -4.15 6.32 2.94
CA LEU B 247 -5.43 6.96 2.59
C LEU B 247 -6.45 6.62 3.66
N GLU B 248 -6.99 7.64 4.31
CA GLU B 248 -7.97 7.47 5.38
C GLU B 248 -9.27 8.12 4.92
N LEU B 249 -10.28 7.30 4.67
CA LEU B 249 -11.40 7.74 3.85
C LEU B 249 -12.72 7.69 4.62
N GLY B 250 -13.81 7.35 3.94
CA GLY B 250 -15.13 7.51 4.53
C GLY B 250 -15.47 6.44 5.54
N GLY B 251 -16.48 6.73 6.36
CA GLY B 251 -17.01 5.76 7.29
C GLY B 251 -18.53 5.69 7.20
N LYS B 252 -19.06 4.61 7.76
CA LYS B 252 -20.48 4.44 7.99
C LYS B 252 -20.63 3.62 9.28
N ALA B 253 -20.11 4.18 10.38
CA ALA B 253 -19.98 3.41 11.62
C ALA B 253 -21.32 3.06 12.21
N PRO B 254 -21.61 1.78 12.42
CA PRO B 254 -22.82 1.41 13.16
C PRO B 254 -22.64 1.61 14.65
N PHE B 255 -23.73 1.96 15.33
CA PHE B 255 -23.77 2.04 16.78
C PHE B 255 -24.79 1.02 17.27
N ILE B 256 -24.32 -0.01 17.96
CA ILE B 256 -25.13 -1.18 18.30
C ILE B 256 -25.44 -1.17 19.79
N VAL B 257 -26.72 -1.14 20.13
CA VAL B 257 -27.21 -1.21 21.51
C VAL B 257 -27.78 -2.60 21.74
N MET B 258 -27.02 -3.49 22.37
CA MET B 258 -27.51 -4.84 22.63
C MET B 258 -28.57 -4.82 23.74
N GLU B 259 -29.22 -5.97 23.94
CA GLU B 259 -30.35 -6.08 24.87
C GLU B 259 -29.94 -5.86 26.32
N ASP B 260 -28.67 -6.11 26.67
CA ASP B 260 -28.18 -6.00 28.03
C ASP B 260 -27.33 -4.76 28.25
N ALA B 261 -27.42 -3.79 27.34
CA ALA B 261 -26.67 -2.55 27.46
C ALA B 261 -27.15 -1.74 28.66
N ASP B 262 -26.25 -0.95 29.22
CA ASP B 262 -26.67 0.14 30.11
C ASP B 262 -27.25 1.24 29.25
N LEU B 263 -28.57 1.42 29.31
CA LEU B 263 -29.25 2.29 28.35
C LEU B 263 -28.85 3.75 28.51
N GLU B 264 -28.65 4.20 29.74
CA GLU B 264 -28.22 5.59 29.97
C GLU B 264 -26.81 5.83 29.47
N GLN B 265 -25.88 4.93 29.78
CA GLN B 265 -24.54 5.07 29.24
C GLN B 265 -24.55 4.96 27.71
N ALA B 266 -25.32 4.00 27.18
CA ALA B 266 -25.37 3.82 25.74
C ALA B 266 -25.96 5.03 25.03
N ALA B 267 -27.03 5.61 25.60
CA ALA B 267 -27.68 6.73 24.92
C ALA B 267 -26.76 7.96 24.87
N ALA B 268 -26.04 8.23 25.98
CA ALA B 268 -25.12 9.36 25.99
C ALA B 268 -23.95 9.13 25.04
N ALA B 269 -23.44 7.90 24.97
CA ALA B 269 -22.38 7.60 24.00
C ALA B 269 -22.88 7.75 22.58
N ALA B 270 -24.10 7.24 22.30
CA ALA B 270 -24.67 7.35 20.96
C ALA B 270 -24.93 8.81 20.59
N LEU B 271 -25.33 9.62 21.57
CA LEU B 271 -25.64 11.03 21.30
C LEU B 271 -24.40 11.76 20.81
N HIS B 272 -23.33 11.74 21.61
CA HIS B 272 -22.08 12.37 21.22
C HIS B 272 -21.52 11.78 19.93
N SER B 273 -21.64 10.47 19.74
CA SER B 273 -21.01 9.85 18.57
C SER B 273 -21.67 10.29 17.27
N ARG B 274 -22.95 10.63 17.29
CA ARG B 274 -23.52 11.18 16.06
C ARG B 274 -23.30 12.69 15.97
N PHE B 275 -23.53 13.43 17.05
CA PHE B 275 -23.70 14.87 16.92
C PHE B 275 -22.46 15.68 17.27
N ASP B 276 -21.37 15.05 17.71
CA ASP B 276 -20.07 15.71 17.77
C ASP B 276 -19.75 16.35 16.43
N ASN B 277 -19.28 17.60 16.48
CA ASN B 277 -18.83 18.31 15.28
C ASN B 277 -19.90 18.29 14.19
N CYS B 278 -21.16 18.42 14.60
CA CYS B 278 -22.30 18.51 13.68
C CYS B 278 -22.35 17.29 12.76
N GLY B 279 -21.99 16.13 13.31
CA GLY B 279 -21.95 14.92 12.52
C GLY B 279 -20.73 14.79 11.63
N GLN B 280 -19.78 15.72 11.70
CA GLN B 280 -18.68 15.78 10.73
C GLN B 280 -17.41 15.18 11.36
N VAL B 281 -17.52 13.88 11.63
CA VAL B 281 -16.43 13.06 12.17
C VAL B 281 -16.42 11.75 11.39
N CYS B 282 -15.23 11.29 10.98
CA CYS B 282 -15.14 10.06 10.20
C CYS B 282 -15.43 8.81 11.01
N THR B 283 -15.55 8.91 12.34
CA THR B 283 -15.93 7.77 13.17
C THR B 283 -17.35 7.90 13.69
N CYS B 284 -18.13 8.85 13.19
CA CYS B 284 -19.45 9.14 13.74
C CYS B 284 -20.35 7.91 13.74
N ASN B 285 -21.18 7.83 14.76
CA ASN B 285 -22.37 6.99 14.76
C ASN B 285 -23.24 7.40 13.56
N GLU B 286 -23.19 6.61 12.47
CA GLU B 286 -23.89 6.92 11.22
C GLU B 286 -25.18 6.15 11.05
N ARG B 287 -25.39 5.11 11.85
CA ARG B 287 -26.58 4.26 11.77
C ARG B 287 -26.67 3.53 13.09
N MET B 288 -27.80 3.68 13.77
CA MET B 288 -27.93 3.19 15.13
C MET B 288 -28.82 1.97 15.12
N TYR B 289 -28.31 0.86 15.63
CA TYR B 289 -29.07 -0.38 15.72
C TYR B 289 -29.45 -0.63 17.17
N VAL B 290 -30.74 -0.77 17.43
CA VAL B 290 -31.25 -0.89 18.79
C VAL B 290 -32.02 -2.20 18.90
N HIS B 291 -31.65 -3.02 19.88
CA HIS B 291 -32.33 -4.27 20.11
C HIS B 291 -33.80 -4.02 20.46
N GLY B 292 -34.69 -4.81 19.85
CA GLY B 292 -36.13 -4.55 19.96
C GLY B 292 -36.64 -4.59 21.39
N ALA B 293 -35.97 -5.33 22.28
CA ALA B 293 -36.43 -5.46 23.65
C ALA B 293 -36.16 -4.22 24.50
N VAL B 294 -35.17 -3.39 24.14
CA VAL B 294 -34.92 -2.14 24.84
C VAL B 294 -35.28 -0.93 24.01
N TYR B 295 -35.83 -1.13 22.81
CA TYR B 295 -36.04 -0.03 21.87
C TYR B 295 -36.80 1.13 22.50
N ASP B 296 -37.98 0.84 23.07
CA ASP B 296 -38.85 1.90 23.59
C ASP B 296 -38.19 2.67 24.72
N GLU B 297 -37.61 1.95 25.69
CA GLU B 297 -36.97 2.59 26.82
C GLU B 297 -35.71 3.33 26.39
N PHE B 298 -34.90 2.73 25.51
CA PHE B 298 -33.71 3.42 25.05
C PHE B 298 -34.07 4.71 24.32
N MET B 299 -35.04 4.64 23.40
CA MET B 299 -35.34 5.78 22.55
C MET B 299 -35.94 6.92 23.34
N ARG B 300 -36.65 6.64 24.43
CA ARG B 300 -37.16 7.72 25.27
C ARG B 300 -36.01 8.49 25.93
N ILE B 301 -35.00 7.78 26.46
CA ILE B 301 -33.80 8.43 26.99
C ILE B 301 -33.09 9.20 25.88
N PHE B 302 -32.80 8.51 24.78
CA PHE B 302 -32.02 9.09 23.69
C PHE B 302 -32.70 10.32 23.08
N MET B 303 -34.03 10.25 22.85
CA MET B 303 -34.70 11.37 22.20
C MET B 303 -34.81 12.59 23.11
N GLY B 304 -34.91 12.39 24.42
CA GLY B 304 -34.83 13.53 25.32
C GLY B 304 -33.51 14.26 25.18
N LYS B 305 -32.43 13.51 24.94
CA LYS B 305 -31.13 14.13 24.74
C LYS B 305 -31.06 14.89 23.42
N VAL B 306 -31.54 14.27 22.34
CA VAL B 306 -31.50 14.92 21.03
C VAL B 306 -32.29 16.22 21.04
N GLU B 307 -33.49 16.19 21.62
CA GLU B 307 -34.34 17.37 21.57
C GLU B 307 -33.80 18.53 22.40
N ALA B 308 -32.83 18.28 23.28
CA ALA B 308 -32.23 19.33 24.09
C ALA B 308 -30.95 19.91 23.50
N ILE B 309 -30.46 19.37 22.38
CA ILE B 309 -29.30 19.93 21.71
C ILE B 309 -29.62 21.35 21.28
N LYS B 310 -28.81 22.30 21.74
CA LYS B 310 -28.98 23.69 21.31
C LYS B 310 -28.05 23.93 20.11
N VAL B 311 -28.65 24.21 18.95
CA VAL B 311 -27.91 24.64 17.77
C VAL B 311 -27.74 26.15 17.82
N GLY B 312 -26.51 26.63 17.67
CA GLY B 312 -26.32 28.06 17.68
C GLY B 312 -24.90 28.45 17.36
N ASP B 313 -24.67 29.75 17.45
CA ASP B 313 -23.37 30.37 17.22
C ASP B 313 -22.27 29.58 17.93
N PRO B 314 -21.27 29.08 17.20
CA PRO B 314 -20.22 28.26 17.83
C PRO B 314 -19.25 29.03 18.72
N MET B 315 -19.31 30.37 18.78
CA MET B 315 -18.59 31.05 19.84
C MET B 315 -19.39 31.14 21.13
N ASP B 316 -20.68 30.80 21.09
CA ASP B 316 -21.53 30.87 22.27
C ASP B 316 -21.33 29.60 23.11
N PRO B 317 -20.89 29.72 24.36
CA PRO B 317 -20.63 28.51 25.18
C PRO B 317 -21.88 27.66 25.43
N ALA B 318 -23.08 28.20 25.24
CA ALA B 318 -24.28 27.39 25.36
C ALA B 318 -24.57 26.55 24.12
N SER B 319 -23.93 26.83 22.99
CA SER B 319 -24.18 26.07 21.76
C SER B 319 -23.67 24.65 21.90
N ASP B 320 -24.50 23.68 21.53
CA ASP B 320 -24.10 22.27 21.52
C ASP B 320 -23.72 21.80 20.14
N MET B 321 -24.09 22.54 19.12
CA MET B 321 -23.84 22.14 17.75
C MET B 321 -23.84 23.39 16.91
N GLY B 322 -22.80 23.54 16.08
CA GLY B 322 -22.71 24.65 15.18
C GLY B 322 -23.30 24.34 13.83
N PRO B 323 -22.94 25.16 12.84
CA PRO B 323 -23.46 24.99 11.49
C PRO B 323 -22.73 23.89 10.74
N LYS B 324 -23.30 23.49 9.61
CA LYS B 324 -22.59 22.67 8.64
C LYS B 324 -21.60 23.53 7.85
N VAL B 325 -20.62 22.87 7.24
CA VAL B 325 -19.42 23.59 6.80
C VAL B 325 -19.70 24.48 5.58
N ASN B 326 -20.65 24.12 4.74
CA ASN B 326 -20.94 24.94 3.56
C ASN B 326 -22.30 24.56 3.01
N ALA B 327 -22.66 25.20 1.89
CA ALA B 327 -23.98 25.00 1.31
C ALA B 327 -24.07 23.65 0.62
N ASN B 328 -22.96 23.18 0.03
CA ASN B 328 -22.94 21.85 -0.58
C ASN B 328 -23.27 20.79 0.44
N GLU B 329 -22.68 20.88 1.62
CA GLU B 329 -22.89 19.85 2.64
C GLU B 329 -24.26 19.97 3.26
N LEU B 330 -24.81 21.19 3.34
CA LEU B 330 -26.17 21.37 3.85
C LEU B 330 -27.19 20.84 2.85
N ALA B 331 -26.97 21.08 1.56
CA ALA B 331 -27.84 20.51 0.54
C ALA B 331 -27.85 18.99 0.64
N HIS B 332 -26.69 18.38 0.89
CA HIS B 332 -26.66 16.94 1.06
C HIS B 332 -27.61 16.48 2.17
N MET B 333 -27.68 17.24 3.28
CA MET B 333 -28.61 16.87 4.37
C MET B 333 -30.05 16.85 3.88
N GLU B 334 -30.46 17.91 3.19
CA GLU B 334 -31.83 18.01 2.72
C GLU B 334 -32.17 16.88 1.76
N GLU B 335 -31.22 16.50 0.92
CA GLU B 335 -31.47 15.46 -0.06
C GLU B 335 -31.51 14.09 0.59
N LEU B 336 -30.63 13.81 1.56
CA LEU B 336 -30.72 12.54 2.28
C LEU B 336 -32.09 12.41 2.96
N VAL B 337 -32.61 13.50 3.52
CA VAL B 337 -33.87 13.40 4.27
C VAL B 337 -35.05 13.16 3.33
N ALA B 338 -35.13 13.94 2.26
CA ALA B 338 -36.23 13.77 1.31
C ALA B 338 -36.20 12.39 0.69
N GLU B 339 -35.01 11.90 0.36
CA GLU B 339 -34.88 10.56 -0.20
C GLU B 339 -35.29 9.49 0.80
N ALA B 340 -34.98 9.68 2.09
CA ALA B 340 -35.37 8.70 3.09
C ALA B 340 -36.88 8.68 3.28
N VAL B 341 -37.52 9.85 3.23
CA VAL B 341 -38.97 9.87 3.24
C VAL B 341 -39.52 9.16 2.03
N ASP B 342 -38.88 9.33 0.87
CA ASP B 342 -39.35 8.67 -0.36
C ASP B 342 -39.28 7.14 -0.26
N GLU B 343 -38.21 6.62 0.33
CA GLU B 343 -38.09 5.16 0.50
C GLU B 343 -38.88 4.61 1.68
N GLY B 344 -39.61 5.44 2.42
CA GLY B 344 -40.54 4.96 3.42
C GLY B 344 -40.21 5.24 4.86
N ALA B 345 -39.22 6.09 5.16
CA ALA B 345 -38.77 6.30 6.53
C ALA B 345 -39.59 7.41 7.18
N THR B 346 -39.61 7.39 8.52
CA THR B 346 -40.25 8.44 9.30
C THR B 346 -39.19 9.39 9.83
N VAL B 347 -39.49 10.69 9.77
CA VAL B 347 -38.69 11.73 10.39
C VAL B 347 -39.23 11.91 11.80
N LEU B 348 -38.57 11.29 12.77
CA LEU B 348 -39.02 11.40 14.15
C LEU B 348 -38.79 12.81 14.70
N PHE B 349 -37.63 13.40 14.43
CA PHE B 349 -37.29 14.72 14.92
C PHE B 349 -36.44 15.44 13.88
N GLY B 350 -36.60 16.76 13.82
CA GLY B 350 -35.78 17.56 12.93
C GLY B 350 -36.05 17.30 11.45
N GLY B 351 -34.97 17.17 10.68
CA GLY B 351 -35.08 16.88 9.27
C GLY B 351 -35.25 18.09 8.37
N LYS B 352 -34.85 19.28 8.83
CA LYS B 352 -34.95 20.47 7.99
C LYS B 352 -33.90 21.48 8.42
N LYS B 353 -33.66 22.46 7.57
CA LYS B 353 -32.71 23.48 7.97
C LYS B 353 -33.38 24.44 8.94
N LEU B 354 -32.58 25.08 9.79
CA LEU B 354 -33.15 25.88 10.85
C LEU B 354 -33.82 27.12 10.29
N GLU B 355 -34.92 27.51 10.91
CA GLU B 355 -35.68 28.69 10.53
C GLU B 355 -35.60 29.70 11.67
N GLY B 356 -35.87 30.97 11.32
CA GLY B 356 -35.91 32.00 12.32
C GLY B 356 -34.89 33.09 12.12
N PRO B 357 -35.00 34.15 12.91
CA PRO B 357 -34.08 35.29 12.76
C PRO B 357 -32.64 34.95 13.10
N GLU B 358 -32.41 34.14 14.13
CA GLU B 358 -31.03 33.83 14.50
C GLU B 358 -30.29 32.98 13.45
N PHE B 359 -30.93 32.60 12.32
CA PHE B 359 -30.28 31.70 11.37
C PHE B 359 -30.53 32.06 9.92
N GLU B 360 -30.73 33.33 9.59
CA GLU B 360 -30.94 33.62 8.17
C GLU B 360 -29.63 33.63 7.39
N LYS B 361 -28.49 33.82 8.05
CA LYS B 361 -27.18 33.57 7.43
C LYS B 361 -26.53 32.34 8.03
N GLY B 362 -25.79 31.62 7.20
CA GLY B 362 -25.12 30.39 7.59
C GLY B 362 -25.88 29.15 7.14
N PHE B 363 -25.26 28.00 7.41
CA PHE B 363 -25.76 26.72 6.93
C PHE B 363 -26.10 25.87 8.15
N TRP B 364 -27.38 25.89 8.54
CA TRP B 364 -27.89 25.37 9.79
C TRP B 364 -28.85 24.22 9.52
N PHE B 365 -28.56 23.06 10.09
CA PHE B 365 -29.43 21.90 9.97
C PHE B 365 -29.81 21.38 11.35
N GLU B 366 -31.06 20.96 11.48
CA GLU B 366 -31.56 20.44 12.76
C GLU B 366 -31.00 19.04 13.02
N PRO B 367 -30.72 18.70 14.28
CA PRO B 367 -30.44 17.30 14.60
C PRO B 367 -31.62 16.45 14.17
N THR B 368 -31.33 15.36 13.46
CA THR B 368 -32.35 14.62 12.74
C THR B 368 -32.27 13.14 13.09
N VAL B 369 -33.41 12.57 13.43
CA VAL B 369 -33.52 11.15 13.74
C VAL B 369 -34.60 10.55 12.84
N LEU B 370 -34.23 9.53 12.07
CA LEU B 370 -35.14 8.81 11.20
C LEU B 370 -35.43 7.43 11.79
N THR B 371 -36.71 7.05 11.80
CA THR B 371 -37.15 5.75 12.31
C THR B 371 -37.96 5.06 11.23
N ASN B 372 -38.47 3.87 11.55
CA ASN B 372 -39.06 2.98 10.54
C ASN B 372 -38.13 2.84 9.35
N VAL B 373 -36.85 2.67 9.65
CA VAL B 373 -35.81 2.49 8.65
C VAL B 373 -35.53 1.00 8.53
N THR B 374 -35.45 0.51 7.29
CA THR B 374 -35.00 -0.85 7.03
C THR B 374 -33.57 -0.86 6.50
N GLN B 375 -32.92 -2.01 6.66
CA GLN B 375 -31.48 -2.10 6.38
C GLN B 375 -31.13 -1.69 4.95
N ASP B 376 -32.08 -1.82 4.01
CA ASP B 376 -31.75 -1.58 2.61
C ASP B 376 -31.88 -0.11 2.20
N MET B 377 -32.35 0.77 3.09
CA MET B 377 -32.52 2.16 2.70
C MET B 377 -31.16 2.84 2.47
N THR B 378 -31.15 3.86 1.59
CA THR B 378 -29.89 4.48 1.20
C THR B 378 -29.18 5.12 2.39
N ILE B 379 -29.93 5.72 3.32
CA ILE B 379 -29.37 6.33 4.52
C ILE B 379 -28.63 5.34 5.42
N VAL B 380 -28.79 4.03 5.20
CA VAL B 380 -28.01 3.05 5.94
C VAL B 380 -26.66 2.77 5.27
N HIS B 381 -26.47 3.25 4.04
CA HIS B 381 -25.32 2.89 3.24
C HIS B 381 -24.47 4.08 2.81
N GLU B 382 -25.10 5.19 2.46
CA GLU B 382 -24.39 6.38 2.03
C GLU B 382 -23.94 7.19 3.24
N GLU B 383 -22.65 7.46 3.34
CA GLU B 383 -22.16 8.30 4.44
C GLU B 383 -22.88 9.65 4.47
N SER B 384 -23.39 10.01 5.64
CA SER B 384 -24.09 11.28 5.85
C SER B 384 -23.13 12.43 6.15
N PHE B 385 -22.18 12.20 7.05
CA PHE B 385 -21.26 13.25 7.52
C PHE B 385 -22.04 14.50 7.92
N GLY B 386 -23.15 14.30 8.60
CA GLY B 386 -23.96 15.38 9.11
C GLY B 386 -24.87 14.89 10.22
N PRO B 387 -25.72 15.78 10.78
CA PRO B 387 -26.53 15.39 11.94
C PRO B 387 -27.81 14.63 11.56
N ILE B 388 -27.66 13.51 10.86
CA ILE B 388 -28.77 12.66 10.47
C ILE B 388 -28.49 11.24 10.96
N LEU B 389 -29.42 10.68 11.73
CA LEU B 389 -29.22 9.38 12.35
C LEU B 389 -30.41 8.47 12.09
N PRO B 390 -30.26 7.46 11.24
CA PRO B 390 -31.32 6.46 11.10
C PRO B 390 -31.19 5.40 12.20
N VAL B 391 -32.35 4.87 12.62
CA VAL B 391 -32.41 3.90 13.71
C VAL B 391 -33.10 2.64 13.20
N ILE B 392 -32.44 1.49 13.35
CA ILE B 392 -32.93 0.21 12.86
C ILE B 392 -33.10 -0.73 14.03
N LYS B 393 -34.25 -1.41 14.09
CA LYS B 393 -34.45 -2.45 15.09
C LYS B 393 -33.80 -3.77 14.65
N PHE B 394 -33.48 -4.60 15.63
CA PHE B 394 -33.00 -5.94 15.34
C PHE B 394 -33.33 -6.81 16.55
N ASP B 395 -33.24 -8.12 16.35
CA ASP B 395 -33.61 -9.06 17.42
C ASP B 395 -32.52 -10.02 17.85
N SER B 396 -31.39 -10.12 17.15
CA SER B 396 -30.34 -11.03 17.58
C SER B 396 -28.98 -10.47 17.18
N PHE B 397 -27.94 -11.02 17.82
CA PHE B 397 -26.57 -10.62 17.55
C PHE B 397 -26.18 -10.92 16.11
N ASP B 398 -26.42 -12.16 15.66
CA ASP B 398 -26.06 -12.51 14.29
C ASP B 398 -26.75 -11.61 13.29
N GLU B 399 -27.93 -11.10 13.64
CA GLU B 399 -28.65 -10.22 12.72
C GLU B 399 -27.94 -8.88 12.62
N VAL B 400 -27.66 -8.24 13.75
CA VAL B 400 -27.03 -6.92 13.68
C VAL B 400 -25.60 -7.00 13.18
N ILE B 401 -24.89 -8.11 13.44
CA ILE B 401 -23.57 -8.29 12.85
C ILE B 401 -23.65 -8.28 11.33
N GLU B 402 -24.61 -9.01 10.77
CA GLU B 402 -24.75 -9.01 9.33
C GLU B 402 -25.13 -7.63 8.80
N TYR B 403 -25.98 -6.90 9.54
CA TYR B 403 -26.25 -5.51 9.18
C TYR B 403 -24.98 -4.67 9.22
N ALA B 404 -24.22 -4.78 10.31
CA ALA B 404 -23.01 -3.98 10.48
C ALA B 404 -22.05 -4.19 9.30
N ASN B 405 -21.85 -5.43 8.89
CA ASN B 405 -20.93 -5.72 7.81
C ASN B 405 -21.50 -5.43 6.43
N ASP B 406 -22.82 -5.20 6.32
CA ASP B 406 -23.49 -4.92 5.05
C ASP B 406 -23.20 -3.47 4.65
N SER B 407 -21.99 -3.26 4.13
CA SER B 407 -21.47 -1.91 3.97
C SER B 407 -20.22 -1.96 3.11
N ASP B 408 -19.97 -0.87 2.40
CA ASP B 408 -18.71 -0.69 1.70
C ASP B 408 -17.65 -0.06 2.59
N TYR B 409 -18.02 0.37 3.78
CA TYR B 409 -17.13 1.03 4.70
C TYR B 409 -16.83 0.12 5.88
N GLY B 410 -15.73 0.41 6.58
CA GLY B 410 -15.29 -0.48 7.63
C GLY B 410 -14.28 0.20 8.52
N LEU B 411 -14.56 1.45 8.86
CA LEU B 411 -13.70 2.18 9.78
C LEU B 411 -14.17 1.92 11.21
N ALA B 412 -15.03 2.78 11.75
CA ALA B 412 -15.39 2.67 13.15
C ALA B 412 -16.62 1.80 13.34
N ALA B 413 -16.79 1.32 14.57
CA ALA B 413 -18.00 0.63 15.01
C ALA B 413 -18.08 0.78 16.52
N MET B 414 -19.30 0.94 17.03
CA MET B 414 -19.51 1.09 18.47
C MET B 414 -20.56 0.09 18.93
N ILE B 415 -20.31 -0.56 20.06
CA ILE B 415 -21.28 -1.52 20.59
C ILE B 415 -21.35 -1.41 22.11
N CYS B 416 -22.56 -1.41 22.64
CA CYS B 416 -22.82 -1.38 24.08
C CYS B 416 -23.48 -2.69 24.47
N THR B 417 -22.79 -3.44 25.33
CA THR B 417 -23.25 -4.73 25.83
C THR B 417 -22.43 -5.07 27.08
N GLN B 418 -23.03 -5.85 27.97
CA GLN B 418 -22.31 -6.40 29.10
C GLN B 418 -22.08 -7.89 28.93
N ASN B 419 -22.29 -8.41 27.72
CA ASN B 419 -22.09 -9.81 27.41
C ASN B 419 -20.70 -9.97 26.79
N MET B 420 -19.78 -10.55 27.57
CA MET B 420 -18.41 -10.70 27.12
C MET B 420 -18.28 -11.63 25.93
N HIS B 421 -19.21 -12.55 25.71
CA HIS B 421 -19.03 -13.38 24.53
C HIS B 421 -19.45 -12.67 23.25
N TYR B 422 -20.43 -11.76 23.33
CA TYR B 422 -20.70 -10.92 22.17
C TYR B 422 -19.45 -10.14 21.78
N ILE B 423 -18.74 -9.59 22.77
CA ILE B 423 -17.57 -8.77 22.53
C ILE B 423 -16.43 -9.60 21.95
N ASN B 424 -16.27 -10.83 22.43
CA ASN B 424 -15.18 -11.67 21.95
C ASN B 424 -15.39 -12.08 20.49
N ARG B 425 -16.64 -12.27 20.07
CA ARG B 425 -16.91 -12.62 18.67
C ARG B 425 -16.56 -11.48 17.71
N LEU B 426 -16.46 -10.24 18.20
CA LEU B 426 -16.18 -9.11 17.33
C LEU B 426 -14.82 -9.24 16.65
N LEU B 427 -13.86 -9.88 17.32
CA LEU B 427 -12.51 -10.00 16.77
C LEU B 427 -12.53 -10.65 15.40
N THR B 428 -13.35 -11.70 15.24
CA THR B 428 -13.38 -12.43 13.97
C THR B 428 -14.58 -12.06 13.09
N GLU B 429 -15.66 -11.53 13.66
CA GLU B 429 -16.92 -11.39 12.94
C GLU B 429 -17.28 -9.97 12.53
N LEU B 430 -16.81 -8.94 13.25
CA LEU B 430 -17.16 -7.55 12.94
C LEU B 430 -16.11 -6.94 12.02
N GLU B 431 -16.52 -6.59 10.80
CA GLU B 431 -15.58 -6.11 9.78
C GLU B 431 -15.40 -4.59 9.83
N SER B 432 -14.90 -4.12 10.98
CA SER B 432 -14.51 -2.73 11.18
C SER B 432 -13.13 -2.72 11.81
N GLY B 433 -12.31 -1.74 11.42
CA GLY B 433 -10.96 -1.69 11.93
C GLY B 433 -10.80 -1.01 13.28
N GLU B 434 -11.81 -0.28 13.74
CA GLU B 434 -11.70 0.54 14.95
C GLU B 434 -13.00 0.41 15.73
N ILE B 435 -12.97 -0.37 16.81
CA ILE B 435 -14.17 -0.82 17.49
C ILE B 435 -14.18 -0.23 18.90
N TYR B 436 -15.26 0.41 19.26
CA TYR B 436 -15.43 1.00 20.59
C TYR B 436 -16.46 0.19 21.37
N VAL B 437 -16.12 -0.17 22.60
CA VAL B 437 -16.94 -1.08 23.40
C VAL B 437 -17.42 -0.29 24.61
N ASN B 438 -18.73 -0.05 24.67
CA ASN B 438 -19.37 0.62 25.80
C ASN B 438 -18.89 2.07 25.96
N ARG B 439 -18.67 2.73 24.83
CA ARG B 439 -18.30 4.15 24.80
C ARG B 439 -18.47 4.64 23.37
N GLY B 440 -18.40 5.96 23.20
CA GLY B 440 -18.48 6.55 21.89
C GLY B 440 -17.15 6.57 21.14
N HIS B 441 -17.19 7.16 19.96
CA HIS B 441 -16.03 7.30 19.10
C HIS B 441 -14.96 8.18 19.76
N GLY B 442 -13.80 8.25 19.13
CA GLY B 442 -12.72 9.11 19.59
C GLY B 442 -11.41 8.37 19.78
N GLU B 443 -10.49 8.49 18.83
CA GLU B 443 -9.29 7.67 18.86
C GLU B 443 -8.16 8.42 19.56
N GLN B 444 -7.08 7.69 19.85
CA GLN B 444 -5.92 8.22 20.54
C GLN B 444 -4.66 8.05 19.70
N HIS B 445 -3.71 8.97 19.88
CA HIS B 445 -2.47 8.99 19.11
C HIS B 445 -1.75 7.64 19.12
N GLN B 446 -1.83 6.91 20.23
CA GLN B 446 -1.16 5.62 20.38
C GLN B 446 -1.93 4.46 19.77
N GLY B 447 -3.16 4.70 19.31
CA GLY B 447 -3.94 3.65 18.68
C GLY B 447 -3.51 3.44 17.23
N PHE B 448 -4.36 2.75 16.49
CA PHE B 448 -4.16 2.56 15.06
C PHE B 448 -5.50 2.78 14.37
N HIS B 449 -5.61 3.93 13.70
CA HIS B 449 -6.81 4.40 13.00
C HIS B 449 -6.77 3.80 11.60
N ASN B 450 -7.55 2.75 11.38
CA ASN B 450 -7.34 1.81 10.29
C ASN B 450 -8.68 1.34 9.73
N GLY B 451 -8.92 1.59 8.44
CA GLY B 451 -10.22 1.35 7.83
C GLY B 451 -10.19 0.17 6.86
N TYR B 452 -11.18 -0.70 7.01
CA TYR B 452 -11.36 -1.82 6.11
C TYR B 452 -12.19 -1.40 4.90
N LYS B 453 -12.11 -2.20 3.85
CA LYS B 453 -12.93 -2.04 2.66
C LYS B 453 -12.62 -0.66 2.07
N LEU B 454 -13.60 0.21 1.85
CA LEU B 454 -13.35 1.47 1.17
C LEU B 454 -13.10 2.62 2.14
N SER B 455 -12.90 2.33 3.43
CA SER B 455 -12.56 3.35 4.42
C SER B 455 -11.08 3.70 4.42
N GLY B 456 -10.31 3.06 3.58
CA GLY B 456 -8.91 3.38 3.39
C GLY B 456 -8.12 2.15 3.06
N THR B 457 -6.90 2.37 2.59
CA THR B 457 -5.94 1.28 2.45
C THR B 457 -4.71 1.76 3.17
N GLY B 458 -4.54 1.13 4.33
CA GLY B 458 -3.48 1.36 5.29
C GLY B 458 -3.73 2.41 6.34
N GLY B 459 -3.66 2.06 7.61
CA GLY B 459 -3.91 2.97 8.70
C GLY B 459 -3.01 4.15 9.07
N GLU B 460 -3.39 4.88 10.09
CA GLU B 460 -2.71 6.08 10.54
C GLU B 460 -2.53 6.04 12.05
N ASP B 461 -1.49 6.74 12.53
CA ASP B 461 -1.17 6.91 13.97
C ASP B 461 -0.43 5.73 14.58
N GLY B 462 0.12 5.93 15.78
CA GLY B 462 0.78 4.86 16.51
C GLY B 462 2.06 4.44 15.82
N LYS B 463 2.55 3.27 16.22
CA LYS B 463 3.78 2.78 15.61
C LYS B 463 3.54 2.34 14.17
N TYR B 464 2.38 1.73 13.90
CA TYR B 464 2.13 1.21 12.56
C TYR B 464 1.79 2.31 11.58
N GLY B 465 1.43 3.49 12.07
CA GLY B 465 1.24 4.65 11.22
C GLY B 465 2.57 5.30 10.91
N PHE B 466 3.39 5.49 11.96
CA PHE B 466 4.70 6.08 11.79
C PHE B 466 5.59 5.23 10.88
N GLU B 467 5.58 3.91 11.04
CA GLU B 467 6.45 3.06 10.24
C GLU B 467 6.25 3.26 8.74
N GLN B 468 5.07 3.71 8.31
CA GLN B 468 4.81 3.90 6.88
C GLN B 468 5.55 5.11 6.29
N TYR B 469 6.08 6.00 7.12
CA TYR B 469 6.83 7.15 6.63
C TYR B 469 8.30 6.84 6.36
N LEU B 470 8.71 5.58 6.51
CA LEU B 470 10.06 5.13 6.24
C LEU B 470 10.06 4.11 5.11
N GLU B 471 11.19 4.00 4.43
CA GLU B 471 11.45 2.98 3.43
C GLU B 471 12.51 2.02 3.95
N LYS B 472 12.65 0.87 3.31
CA LYS B 472 13.72 -0.06 3.62
C LYS B 472 14.73 -0.12 2.48
N LYS B 473 15.97 -0.43 2.84
CA LYS B 473 17.02 -0.67 1.85
C LYS B 473 17.82 -1.87 2.33
N THR B 474 17.90 -2.88 1.47
CA THR B 474 18.51 -4.16 1.79
C THR B 474 19.89 -4.23 1.14
N PHE B 475 20.88 -4.69 1.92
CA PHE B 475 22.26 -4.81 1.46
C PHE B 475 22.71 -6.25 1.65
N TYR B 476 23.15 -6.88 0.55
CA TYR B 476 23.90 -8.12 0.61
C TYR B 476 25.36 -7.76 0.39
N ILE B 477 26.15 -7.84 1.46
CA ILE B 477 27.54 -7.37 1.47
C ILE B 477 28.43 -8.59 1.64
N ASN B 478 29.22 -8.88 0.62
CA ASN B 478 30.17 -9.99 0.64
C ASN B 478 31.51 -9.58 1.24
#